data_9S4G
#
_entry.id   9S4G
#
_cell.length_a   118.788
_cell.length_b   118.788
_cell.length_c   188.214
_cell.angle_alpha   90.000
_cell.angle_beta   90.000
_cell.angle_gamma   90.000
#
_symmetry.space_group_name_H-M   'P 41 21 2'
#
loop_
_entity.id
_entity.type
_entity.pdbx_description
1 polymer 'Carbonic anhydrase'
2 non-polymer 'ZINC ION'
3 non-polymer 5-ACETAMIDO-1,3,4-THIADIAZOLE-2-SULFONAMIDE
4 water water
#
_entity_poly.entity_id   1
_entity_poly.type   'polypeptide(L)'
_entity_poly.pdbx_seq_one_letter_code
;VTSHSNFPFTLSPDSTITDYLNNNKFYVDSIKHNHGDQIFELNGKGQSPHTLWIGCSDSRAGEQCLATLPGEIFVHRNIA
NIVNSNDFSSQGVIQFAIDVLKVKKIIVCGHTDCGGIWASLSSKKIGGVLDLWLNPVRHIRAQNLKLLEQYNHEPKLKAR
KLAELNVIASVIALKRHPSASTALKQGKIEVWGMIYDVASGYLSELEIPQDEFHELFHVLDEEDASAHNAH
;
_entity_poly.pdbx_strand_id   A,B,C,D
#
# COMPACT_ATOMS: atom_id res chain seq x y z
N PHE A 7 -5.74 3.57 39.64
CA PHE A 7 -5.39 4.26 40.89
C PHE A 7 -4.02 4.93 40.78
N PRO A 8 -2.96 4.15 40.53
CA PRO A 8 -1.64 4.76 40.32
C PRO A 8 -1.56 5.57 39.05
N PHE A 9 -2.29 5.18 37.99
CA PHE A 9 -2.30 5.93 36.76
C PHE A 9 -3.18 7.18 36.90
N THR A 10 -2.95 8.14 36.01
CA THR A 10 -3.61 9.44 36.14
C THR A 10 -5.08 9.36 35.74
N LEU A 11 -5.41 8.61 34.70
CA LEU A 11 -6.79 8.37 34.30
C LEU A 11 -7.20 6.93 34.67
N SER A 12 -8.48 6.63 34.45
CA SER A 12 -9.05 5.32 34.71
C SER A 12 -10.08 5.02 33.66
N PRO A 13 -10.49 3.76 33.51
CA PRO A 13 -11.55 3.44 32.55
C PRO A 13 -12.88 4.04 32.92
N ASP A 14 -13.16 4.22 34.22
CA ASP A 14 -14.37 4.89 34.67
C ASP A 14 -14.33 6.39 34.43
N SER A 15 -13.18 6.94 34.08
CA SER A 15 -13.03 8.39 34.00
C SER A 15 -14.07 8.99 33.06
N THR A 16 -14.71 10.05 33.53
CA THR A 16 -15.70 10.80 32.76
C THR A 16 -15.00 11.68 31.72
N ILE A 17 -15.77 12.17 30.76
CA ILE A 17 -15.21 13.09 29.78
C ILE A 17 -14.47 14.23 30.47
N THR A 18 -15.14 14.89 31.43
CA THR A 18 -14.53 16.02 32.12
C THR A 18 -13.24 15.61 32.82
N ASP A 19 -13.15 14.36 33.29
CA ASP A 19 -11.89 13.87 33.83
C ASP A 19 -10.77 14.12 32.83
N TYR A 20 -10.92 13.57 31.61
CA TYR A 20 -9.94 13.77 30.56
C TYR A 20 -9.61 15.25 30.38
N LEU A 21 -10.65 16.09 30.24
CA LEU A 21 -10.42 17.50 30.01
C LEU A 21 -9.69 18.16 31.19
N ASN A 22 -9.86 17.63 32.40
CA ASN A 22 -9.17 18.21 33.54
C ASN A 22 -7.67 17.99 33.44
N ASN A 23 -7.24 16.74 33.23
CA ASN A 23 -5.82 16.48 33.06
C ASN A 23 -5.27 17.19 31.83
N ASN A 24 -6.14 17.63 30.92
CA ASN A 24 -5.72 18.52 29.84
C ASN A 24 -5.56 19.94 30.36
N LYS A 25 -6.56 20.43 31.10
CA LYS A 25 -6.44 21.74 31.75
C LYS A 25 -5.13 21.83 32.54
N PHE A 26 -4.77 20.77 33.26
CA PHE A 26 -3.46 20.73 33.90
C PHE A 26 -2.38 21.01 32.88
N TYR A 27 -2.26 20.11 31.89
CA TYR A 27 -1.22 20.21 30.87
C TYR A 27 -1.03 21.66 30.49
N VAL A 28 -2.06 22.28 29.92
CA VAL A 28 -2.01 23.70 29.59
C VAL A 28 -1.39 24.50 30.73
N ASP A 29 -1.90 24.30 31.95
CA ASP A 29 -1.38 25.05 33.10
C ASP A 29 0.11 24.77 33.31
N SER A 30 0.50 23.50 33.24
CA SER A 30 1.88 23.13 33.52
C SER A 30 2.87 23.85 32.60
N ILE A 31 2.55 23.94 31.31
CA ILE A 31 3.47 24.57 30.38
C ILE A 31 3.49 26.09 30.59
N LYS A 32 2.31 26.68 30.80
CA LYS A 32 2.22 28.12 30.97
C LYS A 32 3.00 28.60 32.19
N HIS A 33 3.29 27.72 33.14
CA HIS A 33 4.09 28.09 34.29
C HIS A 33 5.58 27.98 34.02
N ASN A 34 6.01 26.81 33.54
CA ASN A 34 7.43 26.57 33.32
C ASN A 34 7.97 27.43 32.19
N HIS A 35 7.13 27.80 31.22
CA HIS A 35 7.59 28.53 30.05
C HIS A 35 6.71 29.71 29.66
N GLY A 36 5.68 30.04 30.45
CA GLY A 36 4.82 31.15 30.08
C GLY A 36 4.02 30.86 28.81
N ASP A 37 3.71 31.93 28.08
CA ASP A 37 2.95 31.81 26.84
C ASP A 37 3.82 31.60 25.61
N GLN A 38 5.14 31.71 25.75
CA GLN A 38 6.03 31.66 24.59
C GLN A 38 5.81 30.37 23.79
N ILE A 39 5.72 29.24 24.49
CA ILE A 39 5.63 27.95 23.79
C ILE A 39 4.39 27.91 22.91
N PHE A 40 3.25 28.36 23.43
CA PHE A 40 2.00 28.25 22.69
C PHE A 40 1.89 29.31 21.60
N GLU A 41 2.54 30.47 21.78
CA GLU A 41 2.58 31.45 20.71
C GLU A 41 3.34 30.92 19.49
N LEU A 42 4.36 30.08 19.73
CA LEU A 42 5.13 29.51 18.63
C LEU A 42 4.37 28.35 17.98
N ASN A 43 3.77 27.48 18.78
CA ASN A 43 2.98 26.38 18.23
C ASN A 43 1.88 26.91 17.32
N GLY A 44 1.31 28.06 17.66
CA GLY A 44 0.29 28.65 16.83
C GLY A 44 0.82 29.22 15.53
N LYS A 45 2.06 29.73 15.55
CA LYS A 45 2.64 30.30 14.35
C LYS A 45 3.06 29.20 13.36
N GLY A 46 3.64 28.12 13.86
CA GLY A 46 4.09 27.05 13.00
C GLY A 46 4.99 26.11 13.75
N GLN A 47 5.27 24.97 13.11
CA GLN A 47 6.11 23.93 13.69
C GLN A 47 7.41 23.84 12.90
N SER A 48 8.52 23.71 13.63
CA SER A 48 9.83 23.45 13.04
C SER A 48 10.50 22.32 13.82
N PRO A 49 9.91 21.12 13.79
CA PRO A 49 10.46 20.03 14.60
C PRO A 49 11.85 19.64 14.12
N HIS A 50 12.70 19.29 15.06
CA HIS A 50 14.05 18.84 14.76
C HIS A 50 14.13 17.34 14.56
N THR A 51 13.11 16.59 14.96
CA THR A 51 13.16 15.14 14.97
C THR A 51 11.80 14.58 14.59
N LEU A 52 11.82 13.44 13.91
CA LEU A 52 10.63 12.65 13.66
C LEU A 52 10.81 11.31 14.37
N TRP A 53 9.82 10.92 15.16
CA TRP A 53 9.84 9.67 15.90
C TRP A 53 8.97 8.64 15.19
N ILE A 54 9.53 7.46 14.97
CA ILE A 54 8.81 6.34 14.39
C ILE A 54 8.91 5.20 15.40
N GLY A 55 7.83 4.95 16.13
CA GLY A 55 7.86 3.93 17.15
C GLY A 55 6.64 3.05 17.16
N CYS A 56 6.54 2.18 18.15
CA CYS A 56 5.41 1.28 18.27
C CYS A 56 4.25 1.96 19.00
N SER A 57 3.05 1.51 18.67
CA SER A 57 1.84 2.09 19.25
C SER A 57 1.65 1.74 20.72
N ASP A 58 2.55 0.95 21.30
CA ASP A 58 2.40 0.53 22.69
C ASP A 58 2.22 1.75 23.61
N SER A 59 1.28 1.64 24.54
CA SER A 59 0.99 2.75 25.44
C SER A 59 2.17 3.12 26.33
N ARG A 60 3.21 2.29 26.38
CA ARG A 60 4.37 2.53 27.22
C ARG A 60 5.60 3.01 26.45
N ALA A 61 5.66 2.76 25.13
CA ALA A 61 6.82 3.10 24.33
C ALA A 61 6.64 4.40 23.56
N GLY A 62 5.67 5.22 23.95
CA GLY A 62 5.50 6.50 23.29
C GLY A 62 6.71 7.39 23.43
N GLU A 63 6.80 8.38 22.54
CA GLU A 63 7.92 9.33 22.57
C GLU A 63 7.94 10.20 23.83
N GLN A 64 6.95 10.05 24.72
CA GLN A 64 7.00 10.75 26.00
C GLN A 64 8.31 10.44 26.74
N CYS A 65 8.91 9.29 26.46
CA CYS A 65 10.15 8.90 27.13
C CYS A 65 11.29 9.86 26.88
N LEU A 66 11.11 10.85 26.02
CA LEU A 66 12.12 11.88 25.79
C LEU A 66 11.71 13.22 26.39
N ALA A 67 10.52 13.31 26.99
CA ALA A 67 10.07 14.52 27.66
C ALA A 67 10.39 15.75 26.82
N THR A 68 9.56 16.03 25.84
CA THR A 68 9.79 17.13 24.90
C THR A 68 8.57 18.04 24.88
N LEU A 69 8.81 19.30 24.59
CA LEU A 69 7.69 20.24 24.46
C LEU A 69 7.05 20.11 23.08
N PRO A 70 5.74 20.33 22.98
CA PRO A 70 5.09 20.25 21.66
C PRO A 70 5.78 21.12 20.64
N GLY A 71 5.77 20.66 19.38
CA GLY A 71 6.47 21.35 18.32
C GLY A 71 7.91 20.95 18.16
N GLU A 72 8.29 19.77 18.62
CA GLU A 72 9.68 19.34 18.58
C GLU A 72 9.88 17.98 17.93
N ILE A 73 8.92 17.07 18.11
CA ILE A 73 9.06 15.69 17.67
C ILE A 73 7.88 15.32 16.78
N PHE A 74 8.18 14.95 15.54
CA PHE A 74 7.16 14.47 14.59
C PHE A 74 6.99 12.97 14.76
N VAL A 75 5.79 12.55 15.17
CA VAL A 75 5.55 11.19 15.65
C VAL A 75 4.76 10.41 14.62
N HIS A 76 5.12 9.13 14.44
CA HIS A 76 4.32 8.17 13.72
C HIS A 76 4.43 6.85 14.46
N ARG A 77 3.29 6.24 14.79
CA ARG A 77 3.29 5.03 15.61
C ARG A 77 2.28 4.04 15.05
N ASN A 78 2.74 2.79 14.89
CA ASN A 78 1.90 1.70 14.45
C ASN A 78 2.31 0.46 15.25
N ILE A 79 1.81 -0.70 14.84
CA ILE A 79 2.10 -1.94 15.54
C ILE A 79 3.51 -2.39 15.19
N ALA A 80 4.27 -2.78 16.21
CA ALA A 80 5.61 -3.37 16.05
C ALA A 80 6.59 -2.42 15.37
N ASN A 81 6.30 -1.12 15.38
CA ASN A 81 7.14 -0.11 14.72
C ASN A 81 7.72 -0.65 13.42
N ILE A 82 6.87 -0.87 12.42
CA ILE A 82 7.28 -1.43 11.14
C ILE A 82 7.27 -0.33 10.10
N VAL A 83 8.33 -0.30 9.29
CA VAL A 83 8.41 0.63 8.16
C VAL A 83 8.26 -0.18 6.87
N ASN A 84 7.03 -0.26 6.36
CA ASN A 84 6.74 -1.03 5.17
C ASN A 84 6.80 -0.12 3.96
N SER A 85 7.66 -0.47 3.01
CA SER A 85 7.79 0.35 1.80
C SER A 85 6.46 0.47 1.05
N ASN A 86 5.61 -0.55 1.13
CA ASN A 86 4.35 -0.58 0.41
C ASN A 86 3.16 -0.16 1.27
N ASP A 87 3.42 0.65 2.29
CA ASP A 87 2.38 1.20 3.16
C ASP A 87 2.40 2.71 3.02
N PHE A 88 1.35 3.28 2.40
CA PHE A 88 1.32 4.70 2.14
C PHE A 88 1.27 5.53 3.41
N SER A 89 0.97 4.90 4.55
CA SER A 89 0.92 5.64 5.81
C SER A 89 2.31 6.04 6.25
N SER A 90 3.22 5.07 6.36
CA SER A 90 4.59 5.37 6.77
C SER A 90 5.32 6.16 5.70
N GLN A 91 5.48 5.57 4.51
CA GLN A 91 6.22 6.22 3.43
C GLN A 91 5.77 7.66 3.23
N GLY A 92 4.49 7.94 3.44
CA GLY A 92 4.01 9.31 3.30
C GLY A 92 4.54 10.21 4.39
N VAL A 93 4.63 9.70 5.62
CA VAL A 93 5.19 10.47 6.71
C VAL A 93 6.64 10.84 6.41
N ILE A 94 7.44 9.86 5.97
CA ILE A 94 8.82 10.14 5.64
C ILE A 94 8.91 11.26 4.60
N GLN A 95 8.09 11.17 3.55
CA GLN A 95 8.10 12.19 2.51
C GLN A 95 7.99 13.59 3.13
N PHE A 96 7.04 13.76 4.06
CA PHE A 96 6.82 15.09 4.63
C PHE A 96 7.92 15.46 5.62
N ALA A 97 8.39 14.49 6.41
CA ALA A 97 9.37 14.80 7.45
C ALA A 97 10.63 15.39 6.86
N ILE A 98 11.04 14.92 5.68
CA ILE A 98 12.30 15.34 5.06
C ILE A 98 12.09 16.46 4.04
N ASP A 99 11.07 16.31 3.18
CA ASP A 99 10.90 17.26 2.09
C ASP A 99 10.57 18.66 2.61
N VAL A 100 9.60 18.76 3.51
CA VAL A 100 9.02 20.05 3.88
C VAL A 100 9.58 20.57 5.19
N LEU A 101 9.59 19.74 6.23
CA LEU A 101 10.04 20.18 7.54
C LEU A 101 11.55 20.23 7.67
N LYS A 102 12.28 19.45 6.86
CA LYS A 102 13.74 19.41 6.92
C LYS A 102 14.22 18.98 8.31
N VAL A 103 13.65 17.87 8.79
CA VAL A 103 14.06 17.31 10.06
C VAL A 103 15.56 17.00 10.03
N LYS A 104 16.18 17.09 11.21
CA LYS A 104 17.62 16.88 11.34
C LYS A 104 17.97 15.57 12.02
N LYS A 105 16.99 14.77 12.43
CA LYS A 105 17.26 13.48 13.06
C LYS A 105 16.01 12.62 12.98
N ILE A 106 16.17 11.36 12.59
CA ILE A 106 15.07 10.41 12.49
C ILE A 106 15.33 9.26 13.45
N ILE A 107 14.35 8.97 14.31
CA ILE A 107 14.46 7.89 15.29
C ILE A 107 13.40 6.85 14.95
N VAL A 108 13.82 5.60 14.87
CA VAL A 108 12.92 4.45 14.81
C VAL A 108 13.19 3.63 16.06
N CYS A 109 12.16 3.43 16.87
CA CYS A 109 12.34 2.86 18.19
C CYS A 109 11.39 1.70 18.40
N GLY A 110 11.95 0.51 18.52
CA GLY A 110 11.24 -0.62 19.10
C GLY A 110 11.31 -0.57 20.63
N HIS A 111 10.78 -1.63 21.24
CA HIS A 111 10.72 -1.67 22.68
C HIS A 111 10.61 -3.11 23.15
N THR A 112 11.03 -3.34 24.37
CA THR A 112 10.92 -4.64 24.99
C THR A 112 9.48 -4.92 25.39
N ASP A 113 9.12 -6.20 25.39
CA ASP A 113 7.74 -6.63 25.63
C ASP A 113 6.80 -6.13 24.54
N CYS A 114 7.25 -6.22 23.29
CA CYS A 114 6.44 -5.86 22.14
C CYS A 114 5.66 -7.11 21.72
N GLY A 115 4.40 -7.19 22.13
CA GLY A 115 3.58 -8.34 21.80
C GLY A 115 3.51 -8.62 20.32
N GLY A 116 3.70 -7.59 19.48
CA GLY A 116 3.81 -7.83 18.07
C GLY A 116 4.98 -8.71 17.69
N ILE A 117 6.02 -8.70 18.51
CA ILE A 117 7.16 -9.59 18.29
C ILE A 117 6.86 -10.98 18.83
N TRP A 118 6.39 -11.05 20.08
CA TRP A 118 6.06 -12.35 20.66
C TRP A 118 5.02 -13.09 19.83
N ALA A 119 4.13 -12.35 19.16
CA ALA A 119 3.18 -12.98 18.27
C ALA A 119 3.86 -13.54 17.02
N SER A 120 4.80 -12.78 16.45
CA SER A 120 5.52 -13.25 15.29
C SER A 120 6.24 -14.56 15.56
N LEU A 121 6.78 -14.71 16.77
CA LEU A 121 7.47 -15.95 17.13
C LEU A 121 6.49 -17.11 17.34
N SER A 122 5.20 -16.84 17.41
CA SER A 122 4.17 -17.86 17.47
C SER A 122 3.62 -18.14 16.08
N SER A 123 3.01 -19.31 15.93
CA SER A 123 2.34 -19.68 14.69
C SER A 123 0.84 -19.41 14.74
N LYS A 124 0.25 -19.44 15.93
CA LYS A 124 -1.18 -19.18 16.11
C LYS A 124 -1.62 -17.96 15.32
N LYS A 125 -2.35 -18.17 14.24
CA LYS A 125 -2.88 -17.07 13.45
C LYS A 125 -3.66 -16.12 14.34
N ILE A 126 -3.66 -14.84 13.98
CA ILE A 126 -4.25 -13.79 14.80
C ILE A 126 -5.61 -13.39 14.29
N GLY A 127 -5.75 -13.24 12.97
CA GLY A 127 -7.01 -12.88 12.37
C GLY A 127 -6.98 -11.47 11.79
N GLY A 128 -7.88 -11.23 10.85
CA GLY A 128 -7.97 -9.90 10.26
C GLY A 128 -6.68 -9.50 9.58
N VAL A 129 -6.35 -8.22 9.71
CA VAL A 129 -5.20 -7.67 9.00
C VAL A 129 -3.88 -7.93 9.71
N LEU A 130 -3.92 -8.16 11.03
CA LEU A 130 -2.67 -8.25 11.80
C LEU A 130 -1.73 -9.31 11.22
N ASP A 131 -2.27 -10.47 10.84
CA ASP A 131 -1.44 -11.51 10.24
C ASP A 131 -0.62 -10.94 9.09
N LEU A 132 -1.28 -10.28 8.15
CA LEU A 132 -0.56 -9.69 7.02
C LEU A 132 0.31 -8.53 7.47
N TRP A 133 -0.22 -7.69 8.34
CA TRP A 133 0.55 -6.53 8.79
C TRP A 133 1.84 -6.95 9.47
N LEU A 134 1.84 -8.07 10.17
CA LEU A 134 3.02 -8.55 10.87
C LEU A 134 3.91 -9.42 10.01
N ASN A 135 3.51 -9.71 8.76
CA ASN A 135 4.32 -10.56 7.91
C ASN A 135 5.76 -10.06 7.78
N PRO A 136 6.03 -8.77 7.58
CA PRO A 136 7.43 -8.33 7.42
C PRO A 136 8.34 -8.77 8.56
N VAL A 137 7.82 -8.92 9.78
CA VAL A 137 8.65 -9.42 10.87
C VAL A 137 8.80 -10.94 10.75
N ARG A 138 7.75 -11.64 10.33
CA ARG A 138 7.86 -13.07 10.08
C ARG A 138 8.95 -13.37 9.07
N HIS A 139 9.14 -12.48 8.08
CA HIS A 139 10.22 -12.66 7.12
C HIS A 139 11.57 -12.60 7.82
N ILE A 140 11.71 -11.72 8.81
CA ILE A 140 12.94 -11.65 9.59
C ILE A 140 13.11 -12.93 10.41
N ARG A 141 12.04 -13.38 11.06
CA ARG A 141 12.10 -14.62 11.82
C ARG A 141 12.69 -15.75 11.00
N ALA A 142 12.37 -15.79 9.70
CA ALA A 142 12.89 -16.83 8.82
C ALA A 142 14.29 -16.51 8.32
N GLN A 143 14.56 -15.23 8.04
CA GLN A 143 15.87 -14.84 7.55
C GLN A 143 16.97 -15.07 8.59
N ASN A 144 16.62 -15.12 9.88
CA ASN A 144 17.61 -15.25 10.94
C ASN A 144 17.25 -16.34 11.94
N LEU A 145 16.64 -17.44 11.49
CA LEU A 145 16.30 -18.51 12.43
C LEU A 145 17.56 -19.22 12.92
N LYS A 146 18.48 -19.55 11.99
CA LYS A 146 19.72 -20.22 12.34
C LYS A 146 20.27 -19.64 13.64
N LEU A 147 20.15 -18.33 13.79
CA LEU A 147 20.42 -17.67 15.06
C LEU A 147 19.29 -17.90 16.05
N LEU A 148 18.07 -17.49 15.68
CA LEU A 148 16.98 -17.41 16.65
C LEU A 148 16.71 -18.75 17.32
N GLU A 149 16.87 -19.86 16.59
CA GLU A 149 16.63 -21.16 17.18
C GLU A 149 17.46 -21.35 18.46
N GLN A 150 18.64 -20.74 18.53
CA GLN A 150 19.49 -20.90 19.70
C GLN A 150 18.85 -20.30 20.94
N TYR A 151 17.99 -19.30 20.78
CA TYR A 151 17.38 -18.63 21.93
C TYR A 151 16.16 -19.39 22.45
N ASN A 152 16.13 -20.71 22.24
CA ASN A 152 14.98 -21.51 22.62
C ASN A 152 14.66 -21.40 24.11
N HIS A 153 15.48 -22.04 24.96
CA HIS A 153 15.19 -22.07 26.38
C HIS A 153 15.28 -20.71 27.05
N GLU A 154 15.71 -19.68 26.34
CA GLU A 154 15.77 -18.31 26.85
C GLU A 154 14.83 -17.45 26.01
N PRO A 155 13.52 -17.57 26.19
CA PRO A 155 12.59 -16.85 25.31
C PRO A 155 12.74 -15.33 25.37
N LYS A 156 12.82 -14.75 26.58
CA LYS A 156 12.91 -13.31 26.70
C LYS A 156 14.01 -12.75 25.81
N LEU A 157 15.19 -13.37 25.84
CA LEU A 157 16.28 -12.94 24.96
C LEU A 157 15.91 -13.10 23.50
N LYS A 158 15.13 -14.14 23.17
CA LYS A 158 14.68 -14.32 21.79
C LYS A 158 13.86 -13.12 21.33
N ALA A 159 12.85 -12.74 22.12
CA ALA A 159 11.98 -11.63 21.72
C ALA A 159 12.78 -10.32 21.62
N ARG A 160 13.75 -10.14 22.50
CA ARG A 160 14.56 -8.93 22.43
C ARG A 160 15.37 -8.89 21.13
N LYS A 161 16.01 -9.99 20.79
CA LYS A 161 16.83 -10.02 19.57
C LYS A 161 15.98 -9.74 18.34
N LEU A 162 14.85 -10.44 18.20
CA LEU A 162 13.96 -10.18 17.07
C LEU A 162 13.47 -8.73 17.10
N ALA A 163 13.24 -8.19 18.30
CA ALA A 163 12.84 -6.79 18.42
C ALA A 163 13.90 -5.90 17.79
N GLU A 164 15.16 -6.07 18.21
CA GLU A 164 16.24 -5.26 17.65
C GLU A 164 16.33 -5.44 16.14
N LEU A 165 16.25 -6.68 15.67
CA LEU A 165 16.33 -6.93 14.23
C LEU A 165 15.21 -6.21 13.49
N ASN A 166 14.00 -6.20 14.08
CA ASN A 166 12.89 -5.49 13.45
C ASN A 166 13.19 -3.99 13.33
N VAL A 167 13.75 -3.39 14.39
CA VAL A 167 14.15 -2.00 14.31
C VAL A 167 15.22 -1.83 13.24
N ILE A 168 16.21 -2.72 13.21
CA ILE A 168 17.24 -2.67 12.18
C ILE A 168 16.61 -2.76 10.79
N ALA A 169 15.65 -3.68 10.61
CA ALA A 169 14.99 -3.81 9.32
C ALA A 169 14.22 -2.53 8.96
N SER A 170 13.48 -1.99 9.93
CA SER A 170 12.76 -0.74 9.68
C SER A 170 13.71 0.38 9.29
N VAL A 171 14.96 0.31 9.78
CA VAL A 171 15.93 1.35 9.43
C VAL A 171 16.34 1.23 7.97
N ILE A 172 16.93 0.09 7.59
CA ILE A 172 17.39 -0.09 6.22
C ILE A 172 16.25 0.20 5.24
N ALA A 173 15.01 -0.08 5.64
CA ALA A 173 13.88 0.23 4.78
C ALA A 173 13.72 1.73 4.59
N LEU A 174 13.88 2.50 5.66
CA LEU A 174 13.78 3.96 5.57
C LEU A 174 14.99 4.55 4.87
N LYS A 175 16.14 3.88 4.94
CA LYS A 175 17.32 4.37 4.23
C LYS A 175 17.17 4.27 2.73
N ARG A 176 16.30 3.39 2.23
CA ARG A 176 16.08 3.22 0.81
C ARG A 176 14.97 4.11 0.25
N HIS A 177 14.32 4.90 1.11
CA HIS A 177 13.32 5.85 0.63
C HIS A 177 14.01 6.94 -0.19
N PRO A 178 13.44 7.33 -1.34
CA PRO A 178 14.12 8.33 -2.18
C PRO A 178 14.52 9.60 -1.41
N SER A 179 13.57 10.23 -0.71
CA SER A 179 13.90 11.45 0.01
C SER A 179 14.98 11.20 1.07
N ALA A 180 14.89 10.07 1.77
CA ALA A 180 15.89 9.76 2.78
C ALA A 180 17.24 9.45 2.14
N SER A 181 17.24 8.67 1.06
CA SER A 181 18.49 8.39 0.36
C SER A 181 19.12 9.66 -0.16
N THR A 182 18.33 10.52 -0.81
CA THR A 182 18.87 11.76 -1.35
C THR A 182 19.40 12.66 -0.26
N ALA A 183 18.81 12.59 0.94
CA ALA A 183 19.23 13.47 2.03
C ALA A 183 20.45 12.95 2.76
N LEU A 184 20.61 11.62 2.86
CA LEU A 184 21.80 11.07 3.48
C LEU A 184 23.04 11.36 2.67
N LYS A 185 23.01 11.03 1.37
CA LYS A 185 24.17 11.26 0.51
C LYS A 185 24.64 12.71 0.58
N GLN A 186 23.74 13.63 0.85
CA GLN A 186 24.11 15.03 1.02
C GLN A 186 24.60 15.33 2.45
N GLY A 187 24.20 14.51 3.42
CA GLY A 187 24.68 14.66 4.77
C GLY A 187 23.90 15.62 5.64
N LYS A 188 22.68 15.98 5.23
CA LYS A 188 21.86 16.93 5.97
C LYS A 188 20.88 16.25 6.93
N ILE A 189 21.11 14.99 7.27
CA ILE A 189 20.19 14.26 8.13
C ILE A 189 20.97 13.14 8.81
N GLU A 190 20.53 12.78 10.02
CA GLU A 190 21.04 11.64 10.76
C GLU A 190 19.86 10.72 11.09
N VAL A 191 20.17 9.45 11.35
CA VAL A 191 19.15 8.47 11.67
C VAL A 191 19.72 7.51 12.71
N TRP A 192 18.94 7.22 13.75
CA TRP A 192 19.36 6.36 14.84
C TRP A 192 18.30 5.28 15.07
N GLY A 193 18.75 4.14 15.59
CA GLY A 193 17.86 3.07 16.01
C GLY A 193 17.96 2.89 17.51
N MET A 194 16.81 2.67 18.16
CA MET A 194 16.77 2.67 19.61
C MET A 194 15.76 1.66 20.11
N ILE A 195 15.98 1.21 21.35
CA ILE A 195 15.05 0.33 22.05
C ILE A 195 14.64 1.05 23.35
N TYR A 196 13.35 1.09 23.61
CA TYR A 196 12.81 1.62 24.86
C TYR A 196 12.56 0.43 25.79
N ASP A 197 13.33 0.35 26.87
CA ASP A 197 13.13 -0.68 27.87
C ASP A 197 11.89 -0.33 28.69
N VAL A 198 10.84 -1.14 28.55
CA VAL A 198 9.56 -0.83 29.18
C VAL A 198 9.63 -0.97 30.70
N ALA A 199 10.48 -1.85 31.20
CA ALA A 199 10.56 -2.10 32.63
C ALA A 199 11.45 -1.10 33.37
N SER A 200 12.10 -0.18 32.65
CA SER A 200 12.98 0.79 33.29
C SER A 200 12.84 2.21 32.76
N GLY A 201 12.29 2.41 31.57
CA GLY A 201 12.15 3.73 31.00
C GLY A 201 13.38 4.25 30.28
N TYR A 202 14.48 3.51 30.29
CA TYR A 202 15.69 3.97 29.63
C TYR A 202 15.66 3.63 28.13
N LEU A 203 16.36 4.44 27.36
CA LEU A 203 16.53 4.22 25.93
C LEU A 203 17.94 3.68 25.67
N SER A 204 18.02 2.72 24.76
CA SER A 204 19.29 2.11 24.37
C SER A 204 19.46 2.24 22.86
N GLU A 205 20.58 2.82 22.44
CA GLU A 205 20.88 2.91 21.02
C GLU A 205 21.28 1.56 20.46
N LEU A 206 21.06 1.40 19.16
CA LEU A 206 21.35 0.15 18.47
C LEU A 206 22.41 0.41 17.40
N GLU A 207 23.50 -0.35 17.46
CA GLU A 207 24.47 -0.35 16.37
C GLU A 207 23.77 -0.80 15.09
N ILE A 208 23.90 0.00 14.03
CA ILE A 208 23.22 -0.25 12.77
C ILE A 208 24.25 -0.69 11.75
N PRO A 209 24.15 -1.91 11.21
CA PRO A 209 25.08 -2.33 10.15
C PRO A 209 24.88 -1.52 8.88
N GLN A 210 25.87 -1.61 8.00
CA GLN A 210 25.83 -0.93 6.72
C GLN A 210 25.30 -1.86 5.62
N PHE B 7 16.67 28.95 21.67
CA PHE B 7 15.56 28.02 21.57
C PHE B 7 14.96 27.74 22.94
N PRO B 8 13.67 28.06 23.12
CA PRO B 8 13.00 27.69 24.38
C PRO B 8 12.68 26.21 24.48
N PHE B 9 12.80 25.47 23.37
CA PHE B 9 12.53 24.04 23.39
C PHE B 9 13.60 23.29 24.18
N THR B 10 13.28 22.05 24.56
CA THR B 10 14.21 21.25 25.33
C THR B 10 15.44 20.87 24.50
N LEU B 11 15.23 20.40 23.27
CA LEU B 11 16.30 20.03 22.36
C LEU B 11 16.44 21.08 21.25
N SER B 12 17.45 20.90 20.41
CA SER B 12 17.77 21.80 19.32
C SER B 12 18.24 21.00 18.12
N PRO B 13 18.03 21.49 16.90
CA PRO B 13 18.47 20.71 15.72
C PRO B 13 19.95 20.36 15.77
N ASP B 14 20.79 21.23 16.34
CA ASP B 14 22.21 20.94 16.48
C ASP B 14 22.50 20.02 17.66
N SER B 15 21.48 19.63 18.43
CA SER B 15 21.71 18.81 19.61
C SER B 15 22.41 17.52 19.25
N THR B 16 23.33 17.10 20.12
CA THR B 16 24.05 15.85 19.92
C THR B 16 23.19 14.67 20.37
N ILE B 17 23.69 13.46 20.12
CA ILE B 17 23.04 12.26 20.64
C ILE B 17 22.99 12.32 22.16
N THR B 18 24.10 12.72 22.79
CA THR B 18 24.17 12.71 24.24
C THR B 18 23.06 13.55 24.87
N ASP B 19 22.63 14.61 24.18
CA ASP B 19 21.57 15.44 24.74
C ASP B 19 20.24 14.70 24.80
N TYR B 20 19.98 13.80 23.82
CA TYR B 20 18.74 13.05 23.83
C TYR B 20 18.68 12.10 25.01
N LEU B 21 19.79 11.39 25.29
CA LEU B 21 19.80 10.47 26.42
C LEU B 21 19.51 11.18 27.74
N ASN B 22 20.11 12.35 27.94
CA ASN B 22 19.86 13.12 29.16
C ASN B 22 18.38 13.41 29.32
N ASN B 23 17.73 13.86 28.23
CA ASN B 23 16.30 14.08 28.28
C ASN B 23 15.56 12.81 28.70
N ASN B 24 15.96 11.66 28.15
CA ASN B 24 15.37 10.41 28.58
C ASN B 24 15.66 10.15 30.05
N LYS B 25 16.94 10.23 30.44
CA LYS B 25 17.32 10.04 31.85
C LYS B 25 16.45 10.91 32.76
N PHE B 26 16.28 12.19 32.41
CA PHE B 26 15.35 13.05 33.11
C PHE B 26 13.99 12.39 33.20
N TYR B 27 13.36 12.17 32.05
CA TYR B 27 12.03 11.55 32.01
C TYR B 27 11.96 10.41 33.02
N VAL B 28 12.97 9.54 33.05
CA VAL B 28 12.95 8.42 33.98
C VAL B 28 12.91 8.92 35.42
N ASP B 29 13.63 10.01 35.70
CA ASP B 29 13.74 10.50 37.07
C ASP B 29 12.41 11.03 37.57
N SER B 30 11.65 11.74 36.71
CA SER B 30 10.39 12.32 37.16
C SER B 30 9.43 11.25 37.65
N ILE B 31 9.17 10.25 36.82
CA ILE B 31 8.16 9.25 37.17
C ILE B 31 8.58 8.52 38.45
N LYS B 32 9.87 8.25 38.61
CA LYS B 32 10.35 7.59 39.81
C LYS B 32 10.18 8.49 41.04
N HIS B 33 10.60 9.75 40.93
CA HIS B 33 10.44 10.67 42.05
C HIS B 33 8.99 10.75 42.49
N ASN B 34 8.09 11.01 41.56
CA ASN B 34 6.70 11.26 41.88
C ASN B 34 5.87 10.00 42.05
N HIS B 35 6.36 8.86 41.58
CA HIS B 35 5.59 7.62 41.65
C HIS B 35 6.42 6.41 42.05
N GLY B 36 7.72 6.58 42.30
CA GLY B 36 8.56 5.44 42.67
C GLY B 36 8.81 4.52 41.49
N ASP B 37 9.39 3.35 41.82
CA ASP B 37 9.60 2.30 40.84
C ASP B 37 8.30 1.65 40.40
N GLN B 38 7.17 2.08 40.95
CA GLN B 38 5.90 1.41 40.70
C GLN B 38 5.53 1.44 39.22
N ILE B 39 5.59 2.62 38.60
CA ILE B 39 5.11 2.76 37.23
C ILE B 39 5.88 1.83 36.30
N PHE B 40 7.21 1.87 36.37
CA PHE B 40 8.04 1.04 35.50
C PHE B 40 8.03 -0.43 35.91
N GLU B 41 7.59 -0.75 37.12
CA GLU B 41 7.37 -2.15 37.46
C GLU B 41 6.09 -2.67 36.81
N LEU B 42 5.06 -1.83 36.77
CA LEU B 42 3.83 -2.21 36.08
C LEU B 42 4.06 -2.29 34.58
N ASN B 43 4.70 -1.26 34.00
CA ASN B 43 5.02 -1.29 32.59
C ASN B 43 5.86 -2.53 32.25
N GLY B 44 6.82 -2.87 33.11
CA GLY B 44 7.66 -4.02 32.83
C GLY B 44 6.88 -5.33 32.74
N LYS B 45 5.73 -5.40 33.41
CA LYS B 45 4.95 -6.63 33.39
C LYS B 45 4.04 -6.70 32.17
N GLY B 46 3.41 -5.60 31.81
CA GLY B 46 2.53 -5.59 30.65
C GLY B 46 1.97 -4.22 30.40
N GLN B 47 0.87 -4.18 29.64
CA GLN B 47 0.19 -2.94 29.34
C GLN B 47 -1.31 -3.19 29.33
N SER B 48 -2.06 -2.26 29.93
CA SER B 48 -3.52 -2.33 29.98
C SER B 48 -4.09 -0.92 29.87
N PRO B 49 -3.85 -0.25 28.74
CA PRO B 49 -4.37 1.11 28.57
C PRO B 49 -5.89 1.12 28.51
N HIS B 50 -6.45 2.30 28.79
CA HIS B 50 -7.89 2.51 28.81
C HIS B 50 -8.40 3.27 27.61
N THR B 51 -7.51 3.87 26.81
CA THR B 51 -7.92 4.72 25.70
C THR B 51 -7.11 4.39 24.46
N LEU B 52 -7.75 4.52 23.31
CA LEU B 52 -7.08 4.49 22.01
C LEU B 52 -7.09 5.91 21.46
N TRP B 53 -5.91 6.45 21.20
CA TRP B 53 -5.76 7.79 20.63
C TRP B 53 -5.42 7.65 19.16
N ILE B 54 -6.23 8.26 18.30
CA ILE B 54 -5.96 8.35 16.88
C ILE B 54 -5.98 9.83 16.53
N GLY B 55 -4.80 10.42 16.39
CA GLY B 55 -4.71 11.83 16.10
C GLY B 55 -3.62 12.09 15.09
N CYS B 56 -3.59 13.34 14.60
CA CYS B 56 -2.58 13.72 13.63
C CYS B 56 -1.19 13.42 14.16
N SER B 57 -0.23 13.41 13.26
CA SER B 57 1.16 13.17 13.63
C SER B 57 1.91 14.46 13.94
N ASP B 58 1.30 15.62 13.69
CA ASP B 58 1.91 16.92 13.98
C ASP B 58 2.73 16.88 15.28
N SER B 59 3.87 17.55 15.25
CA SER B 59 4.73 17.62 16.43
C SER B 59 4.03 18.27 17.61
N ARG B 60 2.91 18.95 17.40
CA ARG B 60 2.25 19.72 18.44
C ARG B 60 0.94 19.11 18.91
N ALA B 61 0.40 18.11 18.19
CA ALA B 61 -0.89 17.51 18.53
C ALA B 61 -0.74 16.13 19.16
N GLY B 62 0.40 15.86 19.77
CA GLY B 62 0.59 14.57 20.40
C GLY B 62 -0.22 14.41 21.68
N GLU B 63 -0.44 13.13 22.04
CA GLU B 63 -1.23 12.80 23.22
C GLU B 63 -0.65 13.36 24.52
N GLN B 64 0.57 13.91 24.50
CA GLN B 64 1.12 14.51 25.71
C GLN B 64 0.23 15.63 26.24
N CYS B 65 -0.68 16.16 25.42
CA CYS B 65 -1.63 17.16 25.88
C CYS B 65 -2.66 16.59 26.84
N LEU B 66 -2.53 15.33 27.23
CA LEU B 66 -3.35 14.74 28.28
C LEU B 66 -2.58 14.51 29.57
N ALA B 67 -1.27 14.75 29.58
CA ALA B 67 -0.45 14.57 30.77
C ALA B 67 -0.70 13.20 31.40
N THR B 68 -0.37 12.18 30.64
CA THR B 68 -0.63 10.79 31.03
C THR B 68 0.69 10.06 31.25
N LEU B 69 0.63 9.02 32.05
CA LEU B 69 1.82 8.22 32.33
C LEU B 69 1.95 7.10 31.30
N PRO B 70 3.16 6.56 31.15
CA PRO B 70 3.33 5.42 30.23
C PRO B 70 2.45 4.25 30.64
N GLY B 71 1.89 3.57 29.65
CA GLY B 71 1.01 2.45 29.90
C GLY B 71 -0.46 2.81 30.01
N GLU B 72 -0.85 3.99 29.55
CA GLU B 72 -2.22 4.46 29.64
C GLU B 72 -2.90 4.62 28.30
N ILE B 73 -2.19 5.07 27.27
CA ILE B 73 -2.79 5.43 26.00
C ILE B 73 -2.14 4.64 24.87
N PHE B 74 -2.89 3.72 24.28
CA PHE B 74 -2.52 3.11 23.01
C PHE B 74 -2.70 4.13 21.89
N VAL B 75 -1.62 4.45 21.18
CA VAL B 75 -1.61 5.57 20.25
C VAL B 75 -1.37 5.09 18.83
N HIS B 76 -2.00 5.80 17.89
CA HIS B 76 -1.66 5.72 16.48
C HIS B 76 -1.78 7.12 15.89
N ARG B 77 -0.82 7.51 15.06
CA ARG B 77 -0.80 8.84 14.47
C ARG B 77 -0.32 8.77 13.03
N ASN B 78 -0.98 9.53 12.17
CA ASN B 78 -0.55 9.68 10.78
C ASN B 78 -0.89 11.09 10.32
N ILE B 79 -0.66 11.37 9.03
CA ILE B 79 -0.89 12.71 8.51
C ILE B 79 -2.38 12.96 8.38
N ALA B 80 -2.86 14.01 9.07
CA ALA B 80 -4.23 14.51 8.99
C ALA B 80 -5.25 13.68 9.74
N ASN B 81 -4.78 12.79 10.61
CA ASN B 81 -5.64 11.88 11.37
C ASN B 81 -6.80 11.38 10.50
N ILE B 82 -6.50 10.46 9.58
CA ILE B 82 -7.48 9.93 8.64
C ILE B 82 -7.65 8.44 8.90
N VAL B 83 -8.90 7.98 8.88
CA VAL B 83 -9.22 6.57 9.01
C VAL B 83 -9.81 6.11 7.68
N ASN B 84 -9.08 5.25 6.97
CA ASN B 84 -9.48 4.68 5.70
C ASN B 84 -9.50 3.17 5.87
N SER B 85 -10.65 2.56 5.59
CA SER B 85 -10.82 1.13 5.77
C SER B 85 -9.88 0.30 4.89
N ASN B 86 -9.12 0.98 4.02
CA ASN B 86 -8.16 0.31 3.14
C ASN B 86 -6.71 0.50 3.58
N ASP B 87 -6.50 0.87 4.85
CA ASP B 87 -5.15 1.08 5.39
C ASP B 87 -4.85 0.01 6.43
N PHE B 88 -3.76 -0.75 6.20
CA PHE B 88 -3.45 -1.84 7.11
C PHE B 88 -3.13 -1.32 8.50
N SER B 89 -2.24 -0.33 8.58
CA SER B 89 -1.74 0.13 9.88
C SER B 89 -2.88 0.52 10.81
N SER B 90 -3.72 1.45 10.37
CA SER B 90 -4.81 1.95 11.22
C SER B 90 -5.78 0.83 11.55
N GLN B 91 -6.41 0.24 10.53
CA GLN B 91 -7.39 -0.81 10.77
C GLN B 91 -6.84 -1.91 11.67
N GLY B 92 -5.54 -2.19 11.57
CA GLY B 92 -4.93 -3.18 12.45
C GLY B 92 -4.86 -2.71 13.89
N VAL B 93 -4.57 -1.44 14.09
CA VAL B 93 -4.59 -0.87 15.44
C VAL B 93 -5.99 -0.97 16.03
N ILE B 94 -7.01 -0.67 15.22
CA ILE B 94 -8.38 -0.71 15.71
C ILE B 94 -8.75 -2.14 16.11
N GLN B 95 -8.38 -3.13 15.30
CA GLN B 95 -8.66 -4.52 15.65
C GLN B 95 -8.01 -4.89 16.98
N PHE B 96 -6.74 -4.53 17.16
CA PHE B 96 -6.03 -4.94 18.37
C PHE B 96 -6.55 -4.20 19.59
N ALA B 97 -6.87 -2.91 19.45
CA ALA B 97 -7.26 -2.10 20.60
C ALA B 97 -8.58 -2.60 21.20
N ILE B 98 -9.52 -3.00 20.34
CA ILE B 98 -10.84 -3.40 20.82
C ILE B 98 -10.89 -4.89 21.15
N ASP B 99 -10.34 -5.73 20.27
CA ASP B 99 -10.50 -7.17 20.45
C ASP B 99 -9.68 -7.68 21.63
N VAL B 100 -8.46 -7.17 21.80
CA VAL B 100 -7.55 -7.70 22.82
C VAL B 100 -7.49 -6.75 24.01
N LEU B 101 -6.89 -5.58 23.82
CA LEU B 101 -6.70 -4.64 24.93
C LEU B 101 -8.01 -4.25 25.59
N LYS B 102 -9.14 -4.46 24.91
CA LYS B 102 -10.46 -4.14 25.46
C LYS B 102 -10.50 -2.69 25.96
N VAL B 103 -10.05 -1.78 25.09
CA VAL B 103 -10.10 -0.37 25.41
C VAL B 103 -11.54 0.04 25.73
N LYS B 104 -11.67 1.04 26.61
CA LYS B 104 -12.98 1.53 27.03
C LYS B 104 -13.41 2.78 26.29
N LYS B 105 -12.48 3.55 25.74
CA LYS B 105 -12.82 4.77 25.02
C LYS B 105 -11.81 4.99 23.90
N ILE B 106 -12.30 5.45 22.75
CA ILE B 106 -11.43 5.81 21.64
C ILE B 106 -11.58 7.30 21.37
N ILE B 107 -10.49 7.92 20.93
CA ILE B 107 -10.44 9.35 20.64
C ILE B 107 -9.89 9.56 19.24
N VAL B 108 -10.58 10.38 18.46
CA VAL B 108 -10.07 10.86 17.18
C VAL B 108 -9.91 12.36 17.31
N CYS B 109 -8.69 12.85 17.08
CA CYS B 109 -8.38 14.24 17.33
C CYS B 109 -7.65 14.85 16.15
N GLY B 110 -8.33 15.73 15.44
CA GLY B 110 -7.68 16.63 14.51
C GLY B 110 -7.03 17.75 15.30
N HIS B 111 -6.73 18.85 14.59
CA HIS B 111 -6.17 20.01 15.28
C HIS B 111 -6.17 21.19 14.32
N THR B 112 -5.79 22.33 14.85
CA THR B 112 -5.76 23.58 14.10
C THR B 112 -4.40 23.79 13.45
N ASP B 113 -4.39 24.57 12.37
CA ASP B 113 -3.20 24.75 11.54
C ASP B 113 -2.65 23.43 11.04
N CYS B 114 -3.52 22.42 10.95
CA CYS B 114 -3.16 21.12 10.37
C CYS B 114 -2.93 21.29 8.87
N GLY B 115 -1.67 21.47 8.48
CA GLY B 115 -1.37 21.78 7.09
C GLY B 115 -1.92 20.78 6.12
N GLY B 116 -2.08 19.53 6.54
CA GLY B 116 -2.75 18.55 5.69
C GLY B 116 -4.12 19.00 5.26
N ILE B 117 -4.83 19.70 6.15
CA ILE B 117 -6.11 20.28 5.79
C ILE B 117 -5.91 21.45 4.84
N TRP B 118 -5.06 22.41 5.21
CA TRP B 118 -4.77 23.54 4.34
C TRP B 118 -4.22 23.07 3.00
N ALA B 119 -3.43 21.99 3.00
CA ALA B 119 -2.92 21.46 1.75
C ALA B 119 -4.04 20.97 0.87
N SER B 120 -5.04 20.29 1.45
CA SER B 120 -6.22 19.87 0.72
C SER B 120 -7.09 21.04 0.32
N LEU B 121 -6.75 22.27 0.72
CA LEU B 121 -7.50 23.45 0.35
C LEU B 121 -6.80 24.25 -0.75
N SER B 122 -5.82 23.65 -1.43
CA SER B 122 -5.13 24.27 -2.55
C SER B 122 -5.41 23.46 -3.81
N SER B 123 -5.27 24.12 -4.96
CA SER B 123 -5.53 23.48 -6.24
C SER B 123 -4.33 22.74 -6.80
N LYS B 124 -3.13 23.04 -6.31
CA LYS B 124 -1.91 22.42 -6.83
C LYS B 124 -1.65 21.10 -6.11
N LYS B 125 -0.90 20.23 -6.78
CA LYS B 125 -0.56 18.92 -6.24
C LYS B 125 0.64 19.04 -5.29
N ILE B 126 0.68 18.13 -4.32
CA ILE B 126 1.78 18.13 -3.36
C ILE B 126 2.96 17.34 -3.92
N GLY B 127 2.71 16.14 -4.40
CA GLY B 127 3.73 15.27 -4.95
C GLY B 127 3.95 14.01 -4.13
N GLY B 128 4.81 13.15 -4.66
CA GLY B 128 5.11 11.91 -3.99
C GLY B 128 3.87 11.09 -3.70
N VAL B 129 3.93 10.32 -2.61
CA VAL B 129 2.79 9.50 -2.21
C VAL B 129 1.78 10.28 -1.38
N LEU B 130 2.02 11.56 -1.12
CA LEU B 130 1.16 12.32 -0.22
C LEU B 130 -0.16 12.70 -0.90
N ASP B 131 -0.13 13.00 -2.19
CA ASP B 131 -1.34 13.43 -2.88
C ASP B 131 -2.47 12.44 -2.68
N LEU B 132 -2.17 11.15 -2.85
CA LEU B 132 -3.21 10.13 -2.75
C LEU B 132 -3.46 9.69 -1.31
N TRP B 133 -2.59 10.05 -0.38
CA TRP B 133 -2.90 9.81 1.03
C TRP B 133 -3.99 10.77 1.52
N LEU B 134 -4.00 12.00 1.01
CA LEU B 134 -4.97 13.01 1.43
C LEU B 134 -6.29 12.93 0.68
N ASN B 135 -6.42 12.03 -0.30
CA ASN B 135 -7.64 11.97 -1.07
C ASN B 135 -8.90 11.89 -0.22
N PRO B 136 -8.96 11.11 0.86
CA PRO B 136 -10.18 11.09 1.69
C PRO B 136 -10.61 12.48 2.14
N VAL B 137 -9.64 13.35 2.45
CA VAL B 137 -9.98 14.70 2.88
C VAL B 137 -10.51 15.52 1.71
N ARG B 138 -9.80 15.48 0.58
CA ARG B 138 -10.27 16.20 -0.61
C ARG B 138 -11.67 15.74 -1.00
N HIS B 139 -11.94 14.43 -0.89
CA HIS B 139 -13.28 13.93 -1.19
C HIS B 139 -14.31 14.48 -0.23
N ILE B 140 -13.91 14.78 0.99
CA ILE B 140 -14.84 15.38 1.95
C ILE B 140 -15.06 16.85 1.64
N ARG B 141 -13.98 17.57 1.30
CA ARG B 141 -14.14 18.95 0.84
C ARG B 141 -15.14 19.02 -0.30
N ALA B 142 -15.04 18.10 -1.27
CA ALA B 142 -16.04 18.03 -2.33
C ALA B 142 -17.40 17.65 -1.79
N GLN B 143 -17.45 16.66 -0.90
CA GLN B 143 -18.72 16.18 -0.38
C GLN B 143 -19.48 17.26 0.39
N ASN B 144 -18.80 18.33 0.83
CA ASN B 144 -19.42 19.33 1.69
C ASN B 144 -19.11 20.75 1.23
N LEU B 145 -18.92 20.96 -0.08
CA LEU B 145 -18.67 22.32 -0.55
C LEU B 145 -19.89 23.21 -0.39
N LYS B 146 -21.10 22.63 -0.35
CA LYS B 146 -22.27 23.43 -0.03
C LYS B 146 -22.05 24.23 1.25
N LEU B 147 -21.33 23.65 2.21
CA LEU B 147 -20.98 24.32 3.45
C LEU B 147 -19.65 25.07 3.33
N LEU B 148 -18.62 24.41 2.78
CA LEU B 148 -17.35 25.09 2.54
C LEU B 148 -17.52 26.28 1.61
N GLU B 149 -18.62 26.35 0.85
CA GLU B 149 -18.89 27.51 0.02
C GLU B 149 -18.97 28.79 0.86
N GLN B 150 -19.27 28.67 2.15
CA GLN B 150 -19.19 29.79 3.07
C GLN B 150 -17.77 29.85 3.65
N TYR B 151 -17.55 30.82 4.53
CA TYR B 151 -16.27 31.00 5.21
C TYR B 151 -15.16 31.49 4.28
N ASN B 152 -15.43 31.54 2.97
CA ASN B 152 -14.44 32.10 2.05
C ASN B 152 -14.04 33.51 2.45
N HIS B 153 -14.87 34.20 3.25
CA HIS B 153 -14.49 35.51 3.77
C HIS B 153 -13.20 35.41 4.57
N GLU B 154 -13.06 34.36 5.39
CA GLU B 154 -11.86 34.17 6.21
C GLU B 154 -11.44 32.71 6.16
N PRO B 155 -10.32 32.38 5.52
CA PRO B 155 -9.95 30.96 5.38
C PRO B 155 -9.70 30.26 6.71
N LYS B 156 -9.27 31.00 7.74
CA LYS B 156 -9.01 30.36 9.03
C LYS B 156 -10.23 29.61 9.53
N LEU B 157 -11.42 30.22 9.42
CA LEU B 157 -12.64 29.54 9.81
C LEU B 157 -12.93 28.35 8.91
N LYS B 158 -12.62 28.48 7.62
CA LYS B 158 -12.84 27.38 6.69
C LYS B 158 -12.03 26.15 7.10
N ALA B 159 -10.73 26.34 7.35
CA ALA B 159 -9.90 25.22 7.78
C ALA B 159 -10.44 24.59 9.06
N ARG B 160 -10.89 25.42 10.02
CA ARG B 160 -11.44 24.88 11.26
C ARG B 160 -12.62 23.97 10.99
N LYS B 161 -13.39 24.23 9.94
CA LYS B 161 -14.53 23.38 9.63
C LYS B 161 -14.09 22.10 8.92
N LEU B 162 -13.18 22.20 7.95
CA LEU B 162 -12.73 20.99 7.26
C LEU B 162 -11.99 20.05 8.20
N ALA B 163 -11.08 20.60 9.01
CA ALA B 163 -10.41 19.79 10.03
C ALA B 163 -11.45 19.08 10.87
N GLU B 164 -12.49 19.80 11.29
CA GLU B 164 -13.61 19.20 12.00
C GLU B 164 -14.16 18.05 11.17
N LEU B 165 -14.73 18.37 10.00
CA LEU B 165 -15.35 17.35 9.16
C LEU B 165 -14.44 16.14 8.96
N ASN B 166 -13.13 16.38 8.78
CA ASN B 166 -12.20 15.26 8.62
C ASN B 166 -12.23 14.37 9.85
N VAL B 167 -12.13 14.97 11.04
CA VAL B 167 -12.23 14.18 12.27
C VAL B 167 -13.51 13.36 12.26
N ILE B 168 -14.63 14.01 11.96
CA ILE B 168 -15.90 13.30 11.96
C ILE B 168 -15.79 12.07 11.06
N ALA B 169 -15.54 12.29 9.77
CA ALA B 169 -15.44 11.18 8.82
C ALA B 169 -14.58 10.03 9.36
N SER B 170 -13.41 10.35 9.89
CA SER B 170 -12.55 9.32 10.45
C SER B 170 -13.26 8.55 11.57
N VAL B 171 -14.22 9.19 12.24
CA VAL B 171 -14.89 8.54 13.35
C VAL B 171 -15.90 7.50 12.86
N ILE B 172 -16.68 7.84 11.83
CA ILE B 172 -17.66 6.89 11.32
C ILE B 172 -16.96 5.72 10.63
N ALA B 173 -15.91 6.03 9.85
CA ALA B 173 -15.12 4.96 9.24
C ALA B 173 -14.59 4.00 10.30
N LEU B 174 -14.22 4.54 11.47
CA LEU B 174 -13.80 3.70 12.57
C LEU B 174 -14.95 2.85 13.09
N LYS B 175 -16.14 3.45 13.25
CA LYS B 175 -17.31 2.69 13.67
C LYS B 175 -17.67 1.61 12.65
N ARG B 176 -17.16 1.69 11.42
CA ARG B 176 -17.40 0.68 10.41
C ARG B 176 -16.51 -0.55 10.58
N HIS B 177 -15.47 -0.48 11.39
CA HIS B 177 -14.67 -1.66 11.69
C HIS B 177 -15.57 -2.74 12.29
N PRO B 178 -15.42 -4.00 11.87
CA PRO B 178 -16.25 -5.06 12.45
C PRO B 178 -16.20 -5.08 13.97
N SER B 179 -14.99 -5.23 14.53
CA SER B 179 -14.82 -5.22 15.98
C SER B 179 -15.48 -3.99 16.61
N ALA B 180 -15.20 -2.81 16.07
CA ALA B 180 -15.78 -1.59 16.62
C ALA B 180 -17.30 -1.65 16.57
N SER B 181 -17.86 -1.94 15.40
CA SER B 181 -19.30 -2.10 15.28
C SER B 181 -19.83 -3.09 16.31
N THR B 182 -19.13 -4.21 16.50
CA THR B 182 -19.58 -5.20 17.46
C THR B 182 -19.45 -4.68 18.90
N ALA B 183 -18.35 -3.99 19.19
CA ALA B 183 -18.11 -3.54 20.57
C ALA B 183 -19.06 -2.42 20.96
N LEU B 184 -19.40 -1.54 20.01
CA LEU B 184 -20.29 -0.43 20.34
C LEU B 184 -21.72 -0.92 20.55
N LYS B 185 -22.21 -1.80 19.66
CA LYS B 185 -23.54 -2.36 19.84
C LYS B 185 -23.67 -2.99 21.22
N GLN B 186 -22.65 -3.74 21.66
CA GLN B 186 -22.64 -4.29 23.00
C GLN B 186 -22.49 -3.20 24.07
N GLY B 187 -22.28 -1.95 23.67
CA GLY B 187 -22.06 -0.89 24.64
C GLY B 187 -20.82 -1.04 25.46
N LYS B 188 -19.90 -1.90 25.06
CA LYS B 188 -18.68 -2.17 25.79
C LYS B 188 -17.58 -1.17 25.48
N ILE B 189 -17.91 0.00 24.93
CA ILE B 189 -16.87 0.93 24.48
C ILE B 189 -17.48 2.26 24.05
N GLU B 190 -16.71 3.33 24.20
CA GLU B 190 -17.10 4.68 23.80
C GLU B 190 -16.13 5.20 22.75
N VAL B 191 -16.60 6.17 21.97
CA VAL B 191 -15.78 6.83 20.95
C VAL B 191 -16.11 8.31 20.97
N TRP B 192 -15.08 9.15 20.96
CA TRP B 192 -15.25 10.59 21.01
C TRP B 192 -14.46 11.24 19.88
N GLY B 193 -14.90 12.43 19.48
CA GLY B 193 -14.19 13.23 18.51
C GLY B 193 -13.82 14.58 19.08
N MET B 194 -12.56 14.99 18.93
CA MET B 194 -12.08 16.21 19.56
C MET B 194 -11.23 17.00 18.59
N ILE B 195 -10.91 18.23 18.99
CA ILE B 195 -10.00 19.10 18.25
C ILE B 195 -9.00 19.67 19.25
N TYR B 196 -7.73 19.66 18.89
CA TYR B 196 -6.66 20.22 19.73
C TYR B 196 -6.32 21.58 19.17
N ASP B 197 -6.79 22.64 19.83
CA ASP B 197 -6.41 24.00 19.48
C ASP B 197 -4.93 24.19 19.77
N VAL B 198 -4.13 24.35 18.73
CA VAL B 198 -2.68 24.30 18.90
C VAL B 198 -2.15 25.58 19.54
N ALA B 199 -2.82 26.71 19.34
CA ALA B 199 -2.35 27.97 19.86
C ALA B 199 -2.68 28.20 21.33
N SER B 200 -3.49 27.32 21.93
CA SER B 200 -3.87 27.45 23.33
C SER B 200 -3.75 26.15 24.13
N GLY B 201 -3.48 25.02 23.47
CA GLY B 201 -3.27 23.77 24.17
C GLY B 201 -4.51 23.13 24.75
N TYR B 202 -5.68 23.75 24.61
CA TYR B 202 -6.91 23.17 25.11
C TYR B 202 -7.55 22.27 24.05
N LEU B 203 -8.18 21.20 24.50
CA LEU B 203 -8.96 20.34 23.64
C LEU B 203 -10.41 20.83 23.57
N SER B 204 -11.10 20.42 22.52
CA SER B 204 -12.50 20.80 22.32
C SER B 204 -13.26 19.59 21.81
N GLU B 205 -14.25 19.13 22.58
CA GLU B 205 -15.08 18.01 22.14
C GLU B 205 -15.87 18.41 20.89
N LEU B 206 -16.12 17.42 20.03
CA LEU B 206 -16.85 17.63 18.78
C LEU B 206 -18.04 16.68 18.77
N GLU B 207 -19.22 17.23 18.48
CA GLU B 207 -20.43 16.41 18.38
C GLU B 207 -20.31 15.47 17.19
N ILE B 208 -20.65 14.20 17.41
CA ILE B 208 -20.56 13.18 16.37
C ILE B 208 -21.97 12.66 16.06
N PRO B 209 -22.56 13.01 14.92
CA PRO B 209 -23.92 12.53 14.63
C PRO B 209 -23.98 11.05 14.27
N GLN B 210 -25.16 10.59 13.86
CA GLN B 210 -25.35 9.19 13.46
C GLN B 210 -25.25 9.06 11.95
N PHE C 7 -7.93 -31.61 -26.50
CA PHE C 7 -8.04 -30.19 -26.04
C PHE C 7 -7.90 -29.24 -27.23
N PRO C 8 -8.91 -28.38 -27.46
CA PRO C 8 -8.77 -27.37 -28.52
C PRO C 8 -7.68 -26.36 -28.24
N PHE C 9 -7.20 -26.28 -27.01
CA PHE C 9 -6.22 -25.27 -26.64
C PHE C 9 -4.89 -25.53 -27.31
N THR C 10 -4.22 -24.43 -27.68
CA THR C 10 -2.99 -24.54 -28.46
C THR C 10 -1.88 -25.22 -27.66
N LEU C 11 -1.82 -24.95 -26.37
CA LEU C 11 -0.94 -25.67 -25.46
C LEU C 11 -1.78 -26.55 -24.53
N SER C 12 -1.11 -27.50 -23.90
CA SER C 12 -1.70 -28.38 -22.90
C SER C 12 -0.86 -28.30 -21.64
N PRO C 13 -1.37 -28.80 -20.51
CA PRO C 13 -0.54 -28.81 -19.29
C PRO C 13 0.73 -29.61 -19.44
N ASP C 14 0.71 -30.66 -20.28
CA ASP C 14 1.87 -31.49 -20.54
C ASP C 14 2.82 -30.89 -21.57
N SER C 15 2.64 -29.61 -21.92
CA SER C 15 3.49 -28.96 -22.90
C SER C 15 4.95 -28.97 -22.45
N THR C 16 5.82 -28.36 -23.26
CA THR C 16 7.26 -28.35 -23.01
C THR C 16 7.79 -26.99 -23.40
N ILE C 17 8.97 -26.66 -22.87
CA ILE C 17 9.66 -25.42 -23.23
C ILE C 17 9.61 -25.29 -24.75
N THR C 18 10.28 -26.19 -25.46
CA THR C 18 10.30 -26.17 -26.92
C THR C 18 8.91 -25.88 -27.49
N ASP C 19 7.88 -26.52 -26.93
CA ASP C 19 6.52 -26.24 -27.39
C ASP C 19 6.19 -24.76 -27.24
N TYR C 20 6.20 -24.26 -26.01
CA TYR C 20 5.93 -22.85 -25.76
C TYR C 20 6.64 -21.97 -26.78
N LEU C 21 7.92 -22.24 -27.02
CA LEU C 21 8.69 -21.42 -27.96
C LEU C 21 8.18 -21.57 -29.38
N ASN C 22 7.72 -22.78 -29.75
CA ASN C 22 7.18 -22.98 -31.08
C ASN C 22 6.00 -22.04 -31.33
N ASN C 23 5.07 -21.96 -30.38
CA ASN C 23 3.95 -21.04 -30.53
C ASN C 23 4.45 -19.60 -30.60
N ASN C 24 5.47 -19.27 -29.83
CA ASN C 24 6.09 -17.95 -29.94
C ASN C 24 6.61 -17.73 -31.35
N LYS C 25 7.51 -18.61 -31.81
CA LYS C 25 8.09 -18.49 -33.14
C LYS C 25 7.02 -18.30 -34.21
N PHE C 26 5.86 -18.92 -34.04
CA PHE C 26 4.79 -18.71 -34.99
C PHE C 26 4.16 -17.34 -34.83
N TYR C 27 3.91 -16.91 -33.60
CA TYR C 27 3.41 -15.56 -33.38
C TYR C 27 4.28 -14.54 -34.07
N VAL C 28 5.58 -14.81 -34.19
CA VAL C 28 6.47 -13.93 -34.92
C VAL C 28 6.19 -14.03 -36.41
N ASP C 29 6.06 -15.26 -36.92
CA ASP C 29 5.77 -15.45 -38.34
C ASP C 29 4.46 -14.78 -38.74
N SER C 30 3.45 -14.90 -37.88
CA SER C 30 2.14 -14.32 -38.21
C SER C 30 2.24 -12.81 -38.35
N ILE C 31 2.86 -12.13 -37.38
CA ILE C 31 3.06 -10.70 -37.47
C ILE C 31 3.77 -10.33 -38.77
N LYS C 32 4.83 -11.09 -39.11
CA LYS C 32 5.63 -10.76 -40.28
C LYS C 32 4.86 -11.04 -41.57
N HIS C 33 4.03 -12.10 -41.57
CA HIS C 33 3.28 -12.43 -42.77
C HIS C 33 2.32 -11.30 -43.16
N ASN C 34 1.66 -10.71 -42.16
CA ASN C 34 0.58 -9.77 -42.42
C ASN C 34 1.03 -8.32 -42.38
N HIS C 35 2.19 -8.03 -41.79
CA HIS C 35 2.68 -6.66 -41.70
C HIS C 35 4.16 -6.51 -42.04
N GLY C 36 4.87 -7.61 -42.27
CA GLY C 36 6.29 -7.51 -42.54
C GLY C 36 7.07 -7.13 -41.29
N ASP C 37 8.23 -6.49 -41.51
CA ASP C 37 9.07 -6.04 -40.41
C ASP C 37 8.61 -4.73 -39.81
N GLN C 38 7.51 -4.16 -40.29
CA GLN C 38 7.10 -2.83 -39.83
C GLN C 38 6.77 -2.83 -38.35
N ILE C 39 6.15 -3.91 -37.85
CA ILE C 39 5.71 -3.92 -36.46
C ILE C 39 6.91 -4.00 -35.51
N PHE C 40 7.70 -5.07 -35.63
CA PHE C 40 8.82 -5.27 -34.72
C PHE C 40 9.82 -4.12 -34.80
N GLU C 41 9.90 -3.45 -35.96
CA GLU C 41 10.78 -2.29 -36.07
C GLU C 41 10.35 -1.19 -35.12
N LEU C 42 9.05 -0.89 -35.08
CA LEU C 42 8.55 0.13 -34.16
C LEU C 42 8.53 -0.39 -32.72
N ASN C 43 8.36 -1.70 -32.53
CA ASN C 43 8.49 -2.27 -31.20
C ASN C 43 9.88 -2.07 -30.63
N GLY C 44 10.89 -1.86 -31.48
CA GLY C 44 12.25 -1.66 -31.05
C GLY C 44 12.64 -0.23 -30.80
N LYS C 45 11.85 0.73 -31.26
CA LYS C 45 12.20 2.15 -31.15
C LYS C 45 11.59 2.82 -29.94
N GLY C 46 10.45 2.33 -29.45
CA GLY C 46 9.75 2.97 -28.34
C GLY C 46 8.25 2.87 -28.52
N GLN C 47 7.53 2.90 -27.41
CA GLN C 47 6.10 2.66 -27.41
C GLN C 47 5.34 3.97 -27.41
N SER C 48 4.23 3.99 -28.14
CA SER C 48 3.28 5.09 -28.13
C SER C 48 1.87 4.52 -28.00
N PRO C 49 1.59 3.81 -26.91
CA PRO C 49 0.27 3.17 -26.78
C PRO C 49 -0.82 4.21 -26.60
N HIS C 50 -2.03 3.83 -27.00
CA HIS C 50 -3.17 4.73 -26.95
C HIS C 50 -4.19 4.35 -25.88
N THR C 51 -4.00 3.23 -25.19
CA THR C 51 -5.00 2.74 -24.25
C THR C 51 -4.33 2.12 -23.04
N LEU C 52 -5.03 2.17 -21.92
CA LEU C 52 -4.63 1.48 -20.69
C LEU C 52 -5.74 0.48 -20.37
N TRP C 53 -5.38 -0.78 -20.24
CA TRP C 53 -6.32 -1.85 -19.90
C TRP C 53 -6.06 -2.29 -18.46
N ILE C 54 -6.99 -1.96 -17.57
CA ILE C 54 -7.00 -2.50 -16.22
C ILE C 54 -8.16 -3.50 -16.16
N GLY C 55 -7.82 -4.78 -16.12
CA GLY C 55 -8.84 -5.81 -16.08
C GLY C 55 -8.40 -6.95 -15.18
N CYS C 56 -9.29 -7.92 -15.02
CA CYS C 56 -9.01 -9.05 -14.16
C CYS C 56 -7.84 -9.85 -14.70
N SER C 57 -7.14 -10.52 -13.79
CA SER C 57 -6.05 -11.40 -14.19
C SER C 57 -6.56 -12.68 -14.84
N ASP C 58 -7.87 -12.93 -14.79
CA ASP C 58 -8.43 -14.17 -15.33
C ASP C 58 -7.90 -14.45 -16.72
N SER C 59 -7.57 -15.73 -16.97
CA SER C 59 -6.95 -16.12 -18.23
C SER C 59 -7.89 -15.98 -19.43
N ARG C 60 -9.16 -15.69 -19.21
CA ARG C 60 -10.12 -15.54 -20.30
C ARG C 60 -10.46 -14.09 -20.60
N ALA C 61 -10.24 -13.17 -19.66
CA ALA C 61 -10.63 -11.78 -19.83
C ALA C 61 -9.45 -10.87 -20.18
N GLY C 62 -8.45 -11.40 -20.88
CA GLY C 62 -7.30 -10.61 -21.22
C GLY C 62 -7.55 -9.65 -22.38
N GLU C 63 -6.64 -8.69 -22.51
CA GLU C 63 -6.76 -7.69 -23.56
C GLU C 63 -6.69 -8.29 -24.96
N GLN C 64 -6.29 -9.57 -25.09
CA GLN C 64 -6.34 -10.23 -26.38
C GLN C 64 -7.75 -10.24 -26.95
N CYS C 65 -8.77 -10.02 -26.13
CA CYS C 65 -10.13 -9.93 -26.60
C CYS C 65 -10.37 -8.73 -27.52
N LEU C 66 -9.40 -7.82 -27.64
CA LEU C 66 -9.52 -6.68 -28.53
C LEU C 66 -8.81 -6.89 -29.86
N ALA C 67 -8.16 -8.05 -30.05
CA ALA C 67 -7.43 -8.34 -31.27
C ALA C 67 -6.50 -7.17 -31.64
N THR C 68 -5.62 -6.85 -30.70
CA THR C 68 -4.68 -5.76 -30.86
C THR C 68 -3.30 -6.29 -31.23
N LEU C 69 -2.50 -5.42 -31.80
CA LEU C 69 -1.10 -5.72 -32.06
C LEU C 69 -0.22 -5.22 -30.92
N PRO C 70 0.98 -5.78 -30.76
CA PRO C 70 1.86 -5.31 -29.68
C PRO C 70 2.16 -3.83 -29.81
N GLY C 71 2.33 -3.18 -28.66
CA GLY C 71 2.59 -1.75 -28.66
C GLY C 71 1.35 -0.91 -28.85
N GLU C 72 0.19 -1.42 -28.47
CA GLU C 72 -1.06 -0.69 -28.60
C GLU C 72 -1.81 -0.50 -27.29
N ILE C 73 -1.72 -1.44 -26.36
CA ILE C 73 -2.50 -1.40 -25.13
C ILE C 73 -1.56 -1.64 -23.95
N PHE C 74 -1.44 -0.62 -23.08
CA PHE C 74 -0.79 -0.79 -21.78
C PHE C 74 -1.72 -1.57 -20.86
N VAL C 75 -1.19 -2.62 -20.23
CA VAL C 75 -2.00 -3.59 -19.51
C VAL C 75 -1.55 -3.65 -18.05
N HIS C 76 -2.53 -3.63 -17.14
CA HIS C 76 -2.32 -4.01 -15.75
C HIS C 76 -3.46 -4.94 -15.36
N ARG C 77 -3.14 -6.08 -14.76
CA ARG C 77 -4.14 -7.10 -14.50
C ARG C 77 -3.89 -7.73 -13.15
N ASN C 78 -4.86 -7.60 -12.25
CA ASN C 78 -4.81 -8.20 -10.94
C ASN C 78 -6.13 -8.92 -10.68
N ILE C 79 -6.21 -9.59 -9.53
CA ILE C 79 -7.39 -10.39 -9.22
C ILE C 79 -8.60 -9.48 -9.10
N ALA C 80 -9.67 -9.84 -9.82
CA ALA C 80 -10.98 -9.20 -9.71
C ALA C 80 -10.96 -7.74 -10.17
N ASN C 81 -9.99 -7.37 -11.00
CA ASN C 81 -9.86 -6.01 -11.53
C ASN C 81 -10.25 -4.97 -10.49
N ILE C 82 -9.44 -4.85 -9.42
CA ILE C 82 -9.71 -3.93 -8.32
C ILE C 82 -8.68 -2.83 -8.35
N VAL C 83 -9.13 -1.59 -8.53
CA VAL C 83 -8.27 -0.41 -8.41
C VAL C 83 -8.37 0.10 -6.97
N ASN C 84 -7.25 0.12 -6.27
CA ASN C 84 -7.21 0.48 -4.86
C ASN C 84 -6.09 1.48 -4.63
N SER C 85 -6.43 2.64 -4.07
CA SER C 85 -5.43 3.67 -3.82
C SER C 85 -4.34 3.22 -2.87
N ASN C 86 -4.55 2.13 -2.14
CA ASN C 86 -3.51 1.59 -1.28
C ASN C 86 -2.42 0.89 -2.10
N ASP C 87 -2.82 0.13 -3.12
CA ASP C 87 -1.88 -0.67 -3.89
C ASP C 87 -0.94 0.25 -4.65
N PHE C 88 0.37 0.07 -4.43
CA PHE C 88 1.36 0.87 -5.15
C PHE C 88 1.51 0.44 -6.61
N SER C 89 1.12 -0.79 -6.94
CA SER C 89 1.25 -1.28 -8.32
C SER C 89 0.29 -0.54 -9.25
N SER C 90 -1.01 -0.80 -9.12
CA SER C 90 -1.99 -0.17 -9.98
C SER C 90 -1.83 1.34 -9.99
N GLN C 91 -1.69 1.95 -8.81
CA GLN C 91 -1.52 3.40 -8.74
C GLN C 91 -0.27 3.83 -9.48
N GLY C 92 0.79 3.02 -9.43
CA GLY C 92 1.97 3.31 -10.23
C GLY C 92 1.70 3.18 -11.71
N VAL C 93 0.91 2.17 -12.10
CA VAL C 93 0.56 2.01 -13.50
C VAL C 93 -0.21 3.23 -14.00
N ILE C 94 -1.25 3.62 -13.26
CA ILE C 94 -2.07 4.76 -13.69
C ILE C 94 -1.20 5.99 -13.86
N GLN C 95 -0.25 6.20 -12.94
CA GLN C 95 0.62 7.36 -13.04
C GLN C 95 1.39 7.36 -14.35
N PHE C 96 2.05 6.24 -14.66
CA PHE C 96 2.87 6.18 -15.87
C PHE C 96 2.01 6.32 -17.12
N ALA C 97 0.82 5.71 -17.12
CA ALA C 97 -0.01 5.70 -18.32
C ALA C 97 -0.41 7.09 -18.75
N ILE C 98 -0.57 8.01 -17.81
CA ILE C 98 -1.09 9.34 -18.10
C ILE C 98 0.01 10.38 -18.14
N ASP C 99 1.00 10.27 -17.26
CA ASP C 99 2.00 11.33 -17.13
C ASP C 99 3.05 11.27 -18.23
N VAL C 100 3.45 10.06 -18.62
CA VAL C 100 4.54 9.87 -19.57
C VAL C 100 4.02 9.42 -20.93
N LEU C 101 3.29 8.30 -20.97
CA LEU C 101 2.83 7.76 -22.24
C LEU C 101 1.65 8.53 -22.82
N LYS C 102 0.97 9.34 -22.03
CA LYS C 102 -0.15 10.15 -22.51
C LYS C 102 -1.21 9.29 -23.18
N VAL C 103 -1.68 8.28 -22.44
CA VAL C 103 -2.76 7.44 -22.94
C VAL C 103 -3.99 8.28 -23.21
N LYS C 104 -4.73 7.91 -24.26
CA LYS C 104 -5.91 8.66 -24.68
C LYS C 104 -7.22 8.05 -24.17
N LYS C 105 -7.19 6.84 -23.64
CA LYS C 105 -8.40 6.20 -23.13
C LYS C 105 -8.00 5.07 -22.19
N ILE C 106 -8.65 5.02 -21.02
CA ILE C 106 -8.41 3.97 -20.03
C ILE C 106 -9.62 3.05 -19.98
N ILE C 107 -9.38 1.75 -19.82
CA ILE C 107 -10.43 0.76 -19.77
C ILE C 107 -10.29 -0.01 -18.46
N VAL C 108 -11.37 -0.03 -17.68
CA VAL C 108 -11.48 -0.87 -16.50
C VAL C 108 -12.53 -1.92 -16.83
N CYS C 109 -12.10 -3.16 -16.99
CA CYS C 109 -12.96 -4.21 -17.53
C CYS C 109 -13.07 -5.37 -16.57
N GLY C 110 -14.29 -5.65 -16.11
CA GLY C 110 -14.59 -6.88 -15.41
C GLY C 110 -15.03 -7.95 -16.40
N HIS C 111 -15.57 -9.03 -15.84
CA HIS C 111 -15.98 -10.15 -16.67
C HIS C 111 -16.90 -11.06 -15.87
N THR C 112 -17.62 -11.93 -16.59
CA THR C 112 -18.56 -12.85 -15.98
C THR C 112 -17.82 -14.08 -15.46
N ASP C 113 -18.47 -14.77 -14.52
CA ASP C 113 -17.88 -15.90 -13.82
C ASP C 113 -16.52 -15.53 -13.23
N CYS C 114 -16.44 -14.31 -12.68
CA CYS C 114 -15.24 -13.83 -12.01
C CYS C 114 -15.24 -14.35 -10.58
N GLY C 115 -14.55 -15.46 -10.35
CA GLY C 115 -14.62 -16.12 -9.05
C GLY C 115 -14.31 -15.21 -7.88
N GLY C 116 -13.51 -14.17 -8.11
CA GLY C 116 -13.27 -13.20 -7.05
C GLY C 116 -14.56 -12.58 -6.55
N ILE C 117 -15.44 -12.18 -7.47
CA ILE C 117 -16.77 -11.71 -7.08
C ILE C 117 -17.51 -12.81 -6.33
N TRP C 118 -17.60 -14.00 -6.93
CA TRP C 118 -18.31 -15.11 -6.30
C TRP C 118 -17.77 -15.38 -4.90
N ALA C 119 -16.46 -15.30 -4.72
CA ALA C 119 -15.87 -15.50 -3.39
C ALA C 119 -16.37 -14.43 -2.42
N SER C 120 -16.48 -13.18 -2.89
CA SER C 120 -17.05 -12.14 -2.05
C SER C 120 -18.51 -12.42 -1.74
N LEU C 121 -19.24 -13.01 -2.69
CA LEU C 121 -20.61 -13.45 -2.44
C LEU C 121 -20.67 -14.60 -1.44
N SER C 122 -19.53 -15.13 -1.02
CA SER C 122 -19.47 -16.19 -0.02
C SER C 122 -19.03 -15.61 1.32
N SER C 123 -19.59 -16.17 2.41
CA SER C 123 -19.19 -15.76 3.74
C SER C 123 -17.93 -16.48 4.22
N LYS C 124 -17.56 -17.58 3.57
CA LYS C 124 -16.39 -18.34 3.99
C LYS C 124 -15.12 -17.55 3.73
N LYS C 125 -14.15 -17.68 4.64
CA LYS C 125 -12.85 -17.04 4.46
C LYS C 125 -11.97 -17.95 3.61
N ILE C 126 -11.30 -17.35 2.62
CA ILE C 126 -10.45 -18.13 1.73
C ILE C 126 -9.12 -18.47 2.39
N GLY C 127 -8.33 -17.43 2.71
CA GLY C 127 -7.07 -17.63 3.37
C GLY C 127 -5.98 -16.69 2.87
N GLY C 128 -4.84 -16.66 3.56
CA GLY C 128 -3.71 -15.87 3.13
C GLY C 128 -4.08 -14.42 2.88
N VAL C 129 -3.34 -13.80 1.96
CA VAL C 129 -3.56 -12.39 1.64
C VAL C 129 -4.75 -12.17 0.72
N LEU C 130 -5.44 -13.23 0.30
CA LEU C 130 -6.56 -13.07 -0.63
C LEU C 130 -7.77 -12.45 0.05
N ASP C 131 -8.12 -12.95 1.25
CA ASP C 131 -9.30 -12.45 1.94
C ASP C 131 -9.32 -10.93 2.02
N LEU C 132 -8.14 -10.32 2.19
CA LEU C 132 -8.07 -8.87 2.31
C LEU C 132 -7.91 -8.17 0.97
N TRP C 133 -7.31 -8.84 -0.04
CA TRP C 133 -7.28 -8.26 -1.37
C TRP C 133 -8.68 -8.05 -1.89
N LEU C 134 -9.60 -8.97 -1.58
CA LEU C 134 -10.99 -8.86 -2.00
C LEU C 134 -11.84 -8.09 -1.00
N ASN C 135 -11.23 -7.53 0.05
CA ASN C 135 -11.99 -6.74 1.00
C ASN C 135 -12.66 -5.54 0.33
N PRO C 136 -11.98 -4.77 -0.52
CA PRO C 136 -12.68 -3.64 -1.19
C PRO C 136 -13.96 -4.07 -1.88
N VAL C 137 -14.05 -5.31 -2.36
CA VAL C 137 -15.30 -5.80 -2.91
C VAL C 137 -16.24 -6.23 -1.79
N ARG C 138 -15.68 -6.81 -0.71
CA ARG C 138 -16.50 -7.13 0.46
C ARG C 138 -17.18 -5.89 1.02
N HIS C 139 -16.52 -4.73 0.90
CA HIS C 139 -17.14 -3.48 1.33
C HIS C 139 -18.29 -3.10 0.40
N ILE C 140 -18.00 -3.02 -0.90
CA ILE C 140 -19.01 -2.62 -1.89
C ILE C 140 -20.26 -3.49 -1.75
N ARG C 141 -20.07 -4.79 -1.54
CA ARG C 141 -21.20 -5.69 -1.32
C ARG C 141 -22.12 -5.13 -0.25
N ALA C 142 -21.56 -4.77 0.90
CA ALA C 142 -22.36 -4.20 1.97
C ALA C 142 -22.96 -2.86 1.55
N GLN C 143 -22.17 -2.01 0.88
CA GLN C 143 -22.65 -0.68 0.54
C GLN C 143 -23.92 -0.74 -0.30
N ASN C 144 -24.13 -1.80 -1.08
CA ASN C 144 -25.28 -1.93 -1.95
C ASN C 144 -26.08 -3.17 -1.62
N LEU C 145 -26.13 -3.55 -0.34
CA LEU C 145 -26.79 -4.78 0.06
C LEU C 145 -28.28 -4.73 -0.25
N LYS C 146 -28.91 -3.57 -0.07
CA LYS C 146 -30.32 -3.44 -0.38
C LYS C 146 -30.60 -3.80 -1.83
N LEU C 147 -29.75 -3.34 -2.75
CA LEU C 147 -29.93 -3.67 -4.16
C LEU C 147 -29.58 -5.13 -4.42
N LEU C 148 -28.45 -5.59 -3.89
CA LEU C 148 -28.10 -7.01 -4.02
C LEU C 148 -29.17 -7.89 -3.42
N GLU C 149 -29.88 -7.41 -2.40
CA GLU C 149 -31.02 -8.15 -1.88
C GLU C 149 -32.14 -8.25 -2.90
N GLN C 150 -32.36 -7.19 -3.68
CA GLN C 150 -33.38 -7.22 -4.72
C GLN C 150 -33.12 -8.36 -5.70
N TYR C 151 -31.88 -8.46 -6.19
CA TYR C 151 -31.46 -9.55 -7.05
C TYR C 151 -31.00 -10.77 -6.26
N ASN C 152 -31.51 -10.95 -5.04
CA ASN C 152 -31.15 -12.11 -4.23
C ASN C 152 -31.39 -13.40 -5.02
N HIS C 153 -32.61 -13.60 -5.50
CA HIS C 153 -32.90 -14.71 -6.39
C HIS C 153 -32.06 -14.57 -7.67
N GLU C 154 -32.06 -15.63 -8.47
CA GLU C 154 -31.22 -15.73 -9.66
C GLU C 154 -29.77 -15.40 -9.27
N PRO C 155 -29.14 -16.23 -8.44
CA PRO C 155 -27.81 -15.91 -7.90
C PRO C 155 -26.84 -15.37 -8.93
N LYS C 156 -26.80 -15.99 -10.12
CA LYS C 156 -25.89 -15.52 -11.16
C LYS C 156 -26.19 -14.09 -11.58
N LEU C 157 -27.45 -13.67 -11.45
CA LEU C 157 -27.80 -12.27 -11.73
C LEU C 157 -27.26 -11.36 -10.63
N LYS C 158 -27.16 -11.85 -9.41
CA LYS C 158 -26.56 -11.08 -8.32
C LYS C 158 -25.04 -11.19 -8.35
N ALA C 159 -24.51 -12.38 -8.71
CA ALA C 159 -23.07 -12.52 -8.90
C ALA C 159 -22.58 -11.53 -9.94
N ARG C 160 -23.30 -11.41 -11.06
CA ARG C 160 -23.03 -10.33 -12.00
C ARG C 160 -23.19 -9.00 -11.31
N LYS C 161 -24.33 -8.78 -10.65
CA LYS C 161 -24.66 -7.48 -10.06
C LYS C 161 -23.52 -6.92 -9.23
N LEU C 162 -22.77 -7.77 -8.54
CA LEU C 162 -21.62 -7.28 -7.78
C LEU C 162 -20.42 -6.98 -8.66
N ALA C 163 -20.34 -7.60 -9.84
CA ALA C 163 -19.20 -7.38 -10.72
C ALA C 163 -19.22 -5.99 -11.32
N GLU C 164 -20.32 -5.62 -11.99
CA GLU C 164 -20.42 -4.28 -12.57
C GLU C 164 -20.11 -3.22 -11.52
N LEU C 165 -20.64 -3.39 -10.31
CA LEU C 165 -20.34 -2.44 -9.23
C LEU C 165 -18.84 -2.36 -8.98
N ASN C 166 -18.16 -3.50 -8.93
CA ASN C 166 -16.72 -3.50 -8.73
C ASN C 166 -16.02 -2.69 -9.81
N VAL C 167 -16.52 -2.75 -11.05
CA VAL C 167 -15.92 -1.97 -12.12
C VAL C 167 -16.20 -0.48 -11.91
N ILE C 168 -17.40 -0.14 -11.47
CA ILE C 168 -17.72 1.24 -11.13
C ILE C 168 -16.90 1.69 -9.94
N ALA C 169 -16.72 0.81 -8.96
CA ALA C 169 -15.90 1.16 -7.80
C ALA C 169 -14.47 1.48 -8.22
N SER C 170 -13.94 0.70 -9.17
CA SER C 170 -12.54 0.86 -9.57
C SER C 170 -12.35 2.08 -10.47
N VAL C 171 -13.38 2.47 -11.23
CA VAL C 171 -13.23 3.65 -12.07
C VAL C 171 -13.43 4.92 -11.25
N ILE C 172 -14.27 4.89 -10.22
CA ILE C 172 -14.38 6.04 -9.32
C ILE C 172 -13.08 6.22 -8.56
N ALA C 173 -12.40 5.13 -8.21
CA ALA C 173 -11.09 5.22 -7.60
C ALA C 173 -10.05 5.69 -8.60
N LEU C 174 -10.11 5.17 -9.84
CA LEU C 174 -9.15 5.57 -10.86
C LEU C 174 -9.28 7.05 -11.18
N LYS C 175 -10.50 7.58 -11.15
CA LYS C 175 -10.69 9.00 -11.39
C LYS C 175 -10.15 9.86 -10.25
N ARG C 176 -9.87 9.26 -9.09
CA ARG C 176 -9.31 10.03 -7.97
C ARG C 176 -7.82 10.29 -8.15
N HIS C 177 -7.12 9.42 -8.88
CA HIS C 177 -5.71 9.63 -9.18
C HIS C 177 -5.51 11.07 -9.66
N PRO C 178 -4.48 11.78 -9.15
CA PRO C 178 -4.36 13.21 -9.50
C PRO C 178 -4.07 13.42 -10.97
N SER C 179 -3.14 12.64 -11.53
CA SER C 179 -2.88 12.70 -12.97
C SER C 179 -4.17 12.48 -13.75
N ALA C 180 -5.02 11.56 -13.27
CA ALA C 180 -6.29 11.29 -13.93
C ALA C 180 -7.22 12.49 -13.86
N SER C 181 -7.62 12.88 -12.63
CA SER C 181 -8.51 14.01 -12.46
C SER C 181 -7.98 15.25 -13.17
N THR C 182 -6.66 15.47 -13.11
CA THR C 182 -6.06 16.60 -13.81
C THR C 182 -6.32 16.50 -15.32
N ALA C 183 -5.95 15.37 -15.91
CA ALA C 183 -6.14 15.20 -17.35
C ALA C 183 -7.61 15.25 -17.73
N LEU C 184 -8.48 14.60 -16.94
CA LEU C 184 -9.90 14.61 -17.24
C LEU C 184 -10.45 16.03 -17.18
N LYS C 185 -10.18 16.75 -16.10
CA LYS C 185 -10.60 18.15 -16.03
C LYS C 185 -10.01 18.96 -17.17
N GLN C 186 -8.78 18.64 -17.58
CA GLN C 186 -8.16 19.28 -18.73
C GLN C 186 -8.73 18.77 -20.05
N GLY C 187 -9.50 17.68 -20.04
CA GLY C 187 -10.13 17.17 -21.24
C GLY C 187 -9.15 16.55 -22.22
N LYS C 188 -8.30 15.65 -21.73
CA LYS C 188 -7.30 15.00 -22.56
C LYS C 188 -7.25 13.50 -22.30
N ILE C 189 -8.38 12.90 -21.90
CA ILE C 189 -8.44 11.47 -21.64
C ILE C 189 -9.88 11.02 -21.45
N GLU C 190 -10.17 9.79 -21.85
CA GLU C 190 -11.47 9.17 -21.66
C GLU C 190 -11.33 7.93 -20.78
N VAL C 191 -12.42 7.54 -20.14
CA VAL C 191 -12.45 6.37 -19.28
C VAL C 191 -13.76 5.63 -19.51
N TRP C 192 -13.67 4.35 -19.86
CA TRP C 192 -14.85 3.52 -20.08
C TRP C 192 -14.79 2.30 -19.17
N GLY C 193 -15.98 1.81 -18.80
CA GLY C 193 -16.08 0.56 -18.08
C GLY C 193 -16.84 -0.46 -18.89
N MET C 194 -16.25 -1.64 -19.10
CA MET C 194 -16.87 -2.65 -19.94
C MET C 194 -16.86 -3.99 -19.23
N ILE C 195 -17.74 -4.87 -19.67
CA ILE C 195 -17.84 -6.24 -19.16
C ILE C 195 -17.55 -7.20 -20.32
N TYR C 196 -16.62 -8.11 -20.10
CA TYR C 196 -16.31 -9.16 -21.07
C TYR C 196 -17.13 -10.40 -20.73
N ASP C 197 -18.01 -10.80 -21.65
CA ASP C 197 -18.85 -11.97 -21.45
C ASP C 197 -18.02 -13.21 -21.78
N VAL C 198 -17.77 -14.04 -20.75
CA VAL C 198 -16.88 -15.17 -20.93
C VAL C 198 -17.51 -16.30 -21.74
N ALA C 199 -18.84 -16.37 -21.79
CA ALA C 199 -19.52 -17.40 -22.54
C ALA C 199 -19.74 -17.04 -24.00
N SER C 200 -19.47 -15.79 -24.38
CA SER C 200 -19.73 -15.31 -25.73
C SER C 200 -18.53 -14.62 -26.34
N GLY C 201 -17.76 -13.87 -25.56
CA GLY C 201 -16.57 -13.19 -26.04
C GLY C 201 -16.76 -11.74 -26.44
N TYR C 202 -17.95 -11.18 -26.22
CA TYR C 202 -18.20 -9.78 -26.55
C TYR C 202 -17.97 -8.91 -25.31
N LEU C 203 -17.61 -7.66 -25.56
CA LEU C 203 -17.56 -6.66 -24.51
C LEU C 203 -18.89 -5.91 -24.45
N SER C 204 -19.08 -5.17 -23.38
CA SER C 204 -20.32 -4.43 -23.16
C SER C 204 -20.00 -3.19 -22.36
N GLU C 205 -20.01 -2.03 -23.02
CA GLU C 205 -19.76 -0.77 -22.34
C GLU C 205 -20.70 -0.63 -21.14
N LEU C 206 -20.31 0.17 -20.15
CA LEU C 206 -21.06 0.31 -18.92
C LEU C 206 -21.18 1.77 -18.54
N GLU C 207 -22.41 2.23 -18.36
CA GLU C 207 -22.66 3.60 -17.92
C GLU C 207 -22.01 3.81 -16.56
N ILE C 208 -21.13 4.81 -16.47
CA ILE C 208 -20.47 5.17 -15.21
C ILE C 208 -21.18 6.38 -14.63
N PRO C 209 -21.80 6.28 -13.44
CA PRO C 209 -22.48 7.44 -12.86
C PRO C 209 -21.52 8.48 -12.32
N GLN C 210 -22.04 9.40 -11.52
CA GLN C 210 -21.23 10.40 -10.82
C GLN C 210 -22.02 10.97 -9.66
N PHE D 7 -2.51 5.03 -39.07
CA PHE D 7 -1.44 4.25 -38.36
C PHE D 7 -1.42 2.81 -38.84
N PRO D 8 -0.23 2.21 -38.90
CA PRO D 8 -0.14 0.78 -39.26
C PRO D 8 -0.73 -0.15 -38.21
N PHE D 9 -1.16 0.37 -37.05
CA PHE D 9 -1.82 -0.42 -36.03
C PHE D 9 -3.32 -0.50 -36.30
N THR D 10 -3.97 -1.46 -35.63
CA THR D 10 -5.40 -1.64 -35.83
C THR D 10 -6.19 -0.42 -35.35
N LEU D 11 -5.86 0.10 -34.16
CA LEU D 11 -6.55 1.24 -33.59
C LEU D 11 -5.63 2.47 -33.59
N SER D 12 -6.23 3.62 -33.30
CA SER D 12 -5.55 4.90 -33.25
C SER D 12 -6.10 5.69 -32.08
N PRO D 13 -5.36 6.68 -31.57
CA PRO D 13 -5.88 7.49 -30.46
C PRO D 13 -7.19 8.18 -30.79
N ASP D 14 -7.39 8.59 -32.04
CA ASP D 14 -8.65 9.20 -32.47
C ASP D 14 -9.75 8.16 -32.70
N SER D 15 -9.54 6.92 -32.28
CA SER D 15 -10.52 5.87 -32.51
C SER D 15 -11.71 6.01 -31.57
N THR D 16 -12.90 5.88 -32.12
CA THR D 16 -14.13 5.94 -31.36
C THR D 16 -14.37 4.63 -30.62
N ILE D 17 -15.20 4.69 -29.59
CA ILE D 17 -15.63 3.48 -28.89
C ILE D 17 -16.08 2.43 -29.90
N THR D 18 -17.08 2.78 -30.73
CA THR D 18 -17.63 1.87 -31.72
C THR D 18 -16.55 1.15 -32.50
N ASP D 19 -15.37 1.76 -32.64
CA ASP D 19 -14.27 1.07 -33.28
C ASP D 19 -13.75 -0.08 -32.41
N TYR D 20 -13.64 0.16 -31.09
CA TYR D 20 -13.11 -0.87 -30.22
C TYR D 20 -13.97 -2.14 -30.23
N LEU D 21 -15.29 -1.99 -30.44
CA LEU D 21 -16.18 -3.14 -30.44
C LEU D 21 -16.09 -3.92 -31.75
N ASN D 22 -15.85 -3.22 -32.86
CA ASN D 22 -15.59 -3.92 -34.12
C ASN D 22 -14.36 -4.81 -33.99
N ASN D 23 -13.30 -4.27 -33.37
CA ASN D 23 -12.12 -5.10 -33.10
C ASN D 23 -12.47 -6.25 -32.17
N ASN D 24 -13.35 -6.00 -31.20
CA ASN D 24 -13.86 -7.09 -30.39
C ASN D 24 -14.71 -8.03 -31.23
N LYS D 25 -15.52 -7.49 -32.13
CA LYS D 25 -16.31 -8.32 -33.03
C LYS D 25 -15.40 -9.28 -33.80
N PHE D 26 -14.20 -8.82 -34.18
CA PHE D 26 -13.29 -9.69 -34.89
C PHE D 26 -12.80 -10.83 -34.00
N TYR D 27 -12.19 -10.49 -32.87
CA TYR D 27 -11.67 -11.49 -31.95
C TYR D 27 -12.62 -12.67 -31.79
N VAL D 28 -13.90 -12.38 -31.54
CA VAL D 28 -14.88 -13.46 -31.39
C VAL D 28 -15.08 -14.19 -32.71
N ASP D 29 -15.08 -13.44 -33.82
CA ASP D 29 -15.29 -14.08 -35.12
C ASP D 29 -14.20 -15.09 -35.44
N SER D 30 -12.95 -14.76 -35.11
CA SER D 30 -11.83 -15.64 -35.46
C SER D 30 -11.93 -16.98 -34.74
N ILE D 31 -12.03 -16.95 -33.41
CA ILE D 31 -12.11 -18.21 -32.67
C ILE D 31 -13.29 -19.04 -33.16
N LYS D 32 -14.39 -18.38 -33.52
CA LYS D 32 -15.58 -19.11 -33.97
C LYS D 32 -15.34 -19.80 -35.31
N HIS D 33 -14.51 -19.21 -36.17
CA HIS D 33 -14.22 -19.82 -37.46
C HIS D 33 -13.18 -20.92 -37.33
N ASN D 34 -12.15 -20.69 -36.52
CA ASN D 34 -11.05 -21.65 -36.41
C ASN D 34 -11.35 -22.76 -35.40
N HIS D 35 -12.23 -22.50 -34.42
CA HIS D 35 -12.53 -23.50 -33.40
C HIS D 35 -14.02 -23.64 -33.12
N GLY D 36 -14.89 -22.88 -33.78
CA GLY D 36 -16.31 -22.97 -33.51
C GLY D 36 -16.68 -22.33 -32.18
N ASP D 37 -17.85 -22.73 -31.67
CA ASP D 37 -18.32 -22.29 -30.37
C ASP D 37 -17.72 -23.08 -29.21
N GLN D 38 -16.75 -23.95 -29.50
CA GLN D 38 -16.21 -24.84 -28.48
C GLN D 38 -15.41 -24.08 -27.43
N ILE D 39 -14.47 -23.24 -27.87
CA ILE D 39 -13.66 -22.48 -26.92
C ILE D 39 -14.54 -21.75 -25.93
N PHE D 40 -15.47 -20.93 -26.44
CA PHE D 40 -16.37 -20.20 -25.56
C PHE D 40 -17.24 -21.14 -24.73
N GLU D 41 -17.57 -22.32 -25.27
CA GLU D 41 -18.31 -23.30 -24.49
C GLU D 41 -17.54 -23.65 -23.21
N LEU D 42 -16.24 -23.91 -23.34
CA LEU D 42 -15.43 -24.26 -22.18
C LEU D 42 -15.28 -23.08 -21.23
N ASN D 43 -14.96 -21.91 -21.77
CA ASN D 43 -14.73 -20.74 -20.93
C ASN D 43 -15.96 -20.37 -20.11
N GLY D 44 -17.15 -20.61 -20.65
CA GLY D 44 -18.36 -20.26 -19.93
C GLY D 44 -18.62 -21.12 -18.71
N LYS D 45 -18.13 -22.36 -18.72
CA LYS D 45 -18.36 -23.26 -17.60
C LYS D 45 -17.36 -23.03 -16.48
N GLY D 46 -16.11 -22.77 -16.82
CA GLY D 46 -15.08 -22.59 -15.82
C GLY D 46 -13.77 -22.06 -16.36
N GLN D 47 -12.65 -22.52 -15.80
CA GLN D 47 -11.34 -21.99 -16.18
C GLN D 47 -10.27 -22.95 -15.66
N SER D 48 -9.47 -23.49 -16.58
CA SER D 48 -8.42 -24.45 -16.22
C SER D 48 -7.13 -24.11 -16.97
N PRO D 49 -6.48 -23.02 -16.58
CA PRO D 49 -5.23 -22.64 -17.24
C PRO D 49 -4.08 -23.53 -16.81
N HIS D 50 -3.09 -23.67 -17.71
CA HIS D 50 -1.91 -24.45 -17.45
C HIS D 50 -0.67 -23.61 -17.16
N THR D 51 -0.79 -22.28 -17.23
CA THR D 51 0.37 -21.41 -17.11
C THR D 51 -0.04 -20.08 -16.48
N LEU D 52 0.88 -19.52 -15.70
CA LEU D 52 0.75 -18.16 -15.15
C LEU D 52 1.84 -17.31 -15.77
N TRP D 53 1.44 -16.20 -16.37
CA TRP D 53 2.37 -15.24 -16.98
C TRP D 53 2.51 -14.05 -16.03
N ILE D 54 3.70 -13.87 -15.47
CA ILE D 54 4.07 -12.65 -14.77
C ILE D 54 4.99 -11.87 -15.70
N GLY D 55 4.54 -10.70 -16.13
CA GLY D 55 5.33 -9.94 -17.08
C GLY D 55 5.15 -8.47 -16.86
N CYS D 56 5.97 -7.68 -17.55
CA CYS D 56 5.90 -6.25 -17.44
C CYS D 56 4.64 -5.72 -18.13
N SER D 57 4.11 -4.63 -17.60
CA SER D 57 2.90 -4.01 -18.15
C SER D 57 3.12 -3.36 -19.50
N ASP D 58 4.33 -3.44 -20.07
CA ASP D 58 4.59 -2.84 -21.36
C ASP D 58 3.56 -3.31 -22.40
N SER D 59 3.18 -2.40 -23.30
CA SER D 59 2.09 -2.66 -24.24
C SER D 59 2.46 -3.65 -25.33
N ARG D 60 3.65 -4.25 -25.27
CA ARG D 60 4.12 -5.15 -26.32
C ARG D 60 4.75 -6.43 -25.79
N ALA D 61 5.02 -6.53 -24.49
CA ALA D 61 5.59 -7.73 -23.90
C ALA D 61 4.54 -8.58 -23.21
N GLY D 62 3.29 -8.48 -23.63
CA GLY D 62 2.23 -9.25 -23.02
C GLY D 62 2.23 -10.71 -23.46
N GLU D 63 1.46 -11.51 -22.73
CA GLU D 63 1.40 -12.95 -23.00
C GLU D 63 0.98 -13.26 -24.44
N GLN D 64 0.28 -12.33 -25.11
CA GLN D 64 -0.14 -12.58 -26.48
C GLN D 64 1.02 -12.99 -27.37
N CYS D 65 2.26 -12.70 -26.96
CA CYS D 65 3.42 -13.13 -27.73
C CYS D 65 3.52 -14.65 -27.82
N LEU D 66 2.79 -15.39 -26.98
CA LEU D 66 2.77 -16.84 -27.03
C LEU D 66 1.51 -17.40 -27.68
N ALA D 67 0.76 -16.58 -28.40
CA ALA D 67 -0.50 -16.99 -29.02
C ALA D 67 -1.44 -17.43 -27.90
N THR D 68 -1.96 -18.65 -27.92
CA THR D 68 -2.84 -19.13 -26.85
C THR D 68 -4.22 -18.48 -26.98
N LEU D 69 -5.24 -19.17 -26.50
CA LEU D 69 -6.62 -18.72 -26.52
C LEU D 69 -7.10 -18.37 -25.12
N PRO D 70 -8.28 -17.74 -25.02
CA PRO D 70 -8.86 -17.49 -23.70
C PRO D 70 -8.97 -18.77 -22.89
N GLY D 71 -8.44 -18.73 -21.66
CA GLY D 71 -8.48 -19.87 -20.76
C GLY D 71 -7.22 -20.69 -20.69
N GLU D 72 -6.09 -20.15 -21.13
CA GLU D 72 -4.83 -20.88 -21.14
C GLU D 72 -3.77 -20.28 -20.22
N ILE D 73 -3.79 -18.97 -20.01
CA ILE D 73 -2.71 -18.28 -19.29
C ILE D 73 -3.29 -17.30 -18.28
N PHE D 74 -3.14 -17.61 -17.00
CA PHE D 74 -3.33 -16.61 -15.95
C PHE D 74 -2.27 -15.52 -16.11
N VAL D 75 -2.69 -14.27 -16.03
CA VAL D 75 -1.80 -13.14 -16.30
C VAL D 75 -1.84 -12.14 -15.15
N HIS D 76 -0.67 -11.67 -14.75
CA HIS D 76 -0.52 -10.46 -13.93
C HIS D 76 0.59 -9.64 -14.56
N ARG D 77 0.31 -8.37 -14.84
CA ARG D 77 1.29 -7.48 -15.46
C ARG D 77 1.39 -6.21 -14.62
N ASN D 78 2.57 -5.94 -14.08
CA ASN D 78 2.89 -4.68 -13.41
C ASN D 78 4.11 -4.07 -14.09
N ILE D 79 4.57 -2.94 -13.54
CA ILE D 79 5.70 -2.24 -14.14
C ILE D 79 6.98 -3.03 -13.87
N ALA D 80 7.70 -3.34 -14.95
CA ALA D 80 9.03 -3.96 -14.88
C ALA D 80 9.01 -5.36 -14.28
N ASN D 81 7.86 -6.04 -14.37
CA ASN D 81 7.71 -7.40 -13.86
C ASN D 81 8.47 -7.61 -12.56
N ILE D 82 7.88 -7.15 -11.45
CA ILE D 82 8.51 -7.20 -10.13
C ILE D 82 7.70 -8.11 -9.23
N VAL D 83 8.39 -8.97 -8.48
CA VAL D 83 7.78 -9.81 -7.47
C VAL D 83 8.32 -9.37 -6.12
N ASN D 84 7.46 -8.72 -5.33
CA ASN D 84 7.80 -8.21 -4.01
C ASN D 84 6.94 -8.94 -3.00
N SER D 85 7.58 -9.56 -2.00
CA SER D 85 6.84 -10.35 -1.02
C SER D 85 5.91 -9.51 -0.16
N ASN D 86 5.94 -8.18 -0.29
CA ASN D 86 5.06 -7.29 0.45
C ASN D 86 3.98 -6.66 -0.41
N ASP D 87 3.90 -7.02 -1.70
CA ASP D 87 2.92 -6.45 -2.61
C ASP D 87 1.67 -7.33 -2.59
N PHE D 88 0.58 -6.80 -2.04
CA PHE D 88 -0.64 -7.59 -1.93
C PHE D 88 -1.16 -8.00 -3.31
N SER D 89 -1.04 -7.12 -4.31
CA SER D 89 -1.62 -7.39 -5.61
C SER D 89 -0.99 -8.64 -6.24
N SER D 90 0.33 -8.64 -6.39
CA SER D 90 1.02 -9.79 -6.96
C SER D 90 0.79 -11.02 -6.11
N GLN D 91 1.38 -11.05 -4.91
CA GLN D 91 1.36 -12.22 -4.04
C GLN D 91 -0.01 -12.90 -4.00
N GLY D 92 -1.08 -12.10 -4.14
CA GLY D 92 -2.40 -12.70 -4.21
C GLY D 92 -2.56 -13.64 -5.39
N VAL D 93 -2.12 -13.20 -6.57
CA VAL D 93 -2.23 -14.04 -7.76
C VAL D 93 -1.44 -15.33 -7.58
N ILE D 94 -0.27 -15.25 -6.95
CA ILE D 94 0.59 -16.43 -6.85
C ILE D 94 -0.04 -17.44 -5.90
N GLN D 95 -0.71 -16.97 -4.85
CA GLN D 95 -1.43 -17.86 -3.95
C GLN D 95 -2.57 -18.56 -4.67
N PHE D 96 -3.42 -17.79 -5.36
CA PHE D 96 -4.58 -18.35 -6.02
C PHE D 96 -4.17 -19.33 -7.12
N ALA D 97 -3.16 -18.97 -7.90
CA ALA D 97 -2.77 -19.79 -9.03
C ALA D 97 -2.35 -21.19 -8.60
N ILE D 98 -1.49 -21.27 -7.59
CA ILE D 98 -0.92 -22.56 -7.21
C ILE D 98 -1.90 -23.36 -6.36
N ASP D 99 -2.52 -22.71 -5.37
CA ASP D 99 -3.33 -23.45 -4.41
C ASP D 99 -4.60 -24.01 -5.04
N VAL D 100 -5.21 -23.26 -5.97
CA VAL D 100 -6.53 -23.60 -6.48
C VAL D 100 -6.41 -24.09 -7.92
N LEU D 101 -6.13 -23.16 -8.84
CA LEU D 101 -6.08 -23.52 -10.26
C LEU D 101 -4.97 -24.52 -10.57
N LYS D 102 -4.06 -24.75 -9.62
CA LYS D 102 -3.02 -25.78 -9.77
C LYS D 102 -2.33 -25.66 -11.13
N VAL D 103 -1.88 -24.44 -11.44
CA VAL D 103 -1.16 -24.17 -12.68
C VAL D 103 0.02 -25.13 -12.78
N LYS D 104 0.36 -25.52 -14.00
CA LYS D 104 1.45 -26.47 -14.22
C LYS D 104 2.81 -25.78 -14.38
N LYS D 105 2.82 -24.53 -14.84
CA LYS D 105 4.06 -23.81 -15.07
C LYS D 105 3.84 -22.34 -14.76
N ILE D 106 4.92 -21.66 -14.40
CA ILE D 106 4.91 -20.22 -14.11
C ILE D 106 6.03 -19.57 -14.90
N ILE D 107 5.72 -18.46 -15.55
CA ILE D 107 6.70 -17.71 -16.32
C ILE D 107 6.73 -16.28 -15.80
N VAL D 108 7.91 -15.82 -15.41
CA VAL D 108 8.17 -14.40 -15.18
C VAL D 108 9.03 -13.92 -16.33
N CYS D 109 8.62 -12.84 -16.98
CA CYS D 109 9.25 -12.42 -18.21
C CYS D 109 9.42 -10.91 -18.24
N GLY D 110 10.67 -10.47 -18.33
CA GLY D 110 10.99 -9.10 -18.62
C GLY D 110 10.94 -8.86 -20.11
N HIS D 111 11.66 -7.83 -20.55
CA HIS D 111 11.72 -7.54 -21.98
C HIS D 111 12.73 -6.42 -22.21
N THR D 112 13.20 -6.32 -23.44
CA THR D 112 14.19 -5.32 -23.81
C THR D 112 13.52 -3.95 -23.98
N ASP D 113 14.34 -2.90 -23.81
CA ASP D 113 13.85 -1.52 -23.80
C ASP D 113 12.77 -1.33 -22.74
N CYS D 114 12.94 -1.99 -21.60
CA CYS D 114 12.03 -1.83 -20.46
C CYS D 114 12.39 -0.53 -19.74
N GLY D 115 11.63 0.53 -20.02
CA GLY D 115 11.93 1.82 -19.45
C GLY D 115 12.00 1.81 -17.93
N GLY D 116 11.32 0.87 -17.30
CA GLY D 116 11.46 0.72 -15.86
C GLY D 116 12.86 0.33 -15.47
N ILE D 117 13.42 -0.67 -16.13
CA ILE D 117 14.81 -1.05 -15.88
C ILE D 117 15.74 0.12 -16.17
N TRP D 118 15.48 0.87 -17.24
CA TRP D 118 16.35 1.97 -17.61
C TRP D 118 16.30 3.10 -16.58
N ALA D 119 15.08 3.46 -16.16
CA ALA D 119 14.95 4.52 -15.15
C ALA D 119 15.62 4.13 -13.84
N SER D 120 15.43 2.87 -13.41
CA SER D 120 16.13 2.40 -12.24
C SER D 120 17.65 2.49 -12.42
N LEU D 121 18.12 2.43 -13.66
CA LEU D 121 19.54 2.63 -13.96
C LEU D 121 19.85 4.11 -14.04
N SER D 122 19.49 4.88 -13.01
CA SER D 122 19.73 6.31 -13.00
C SER D 122 19.44 6.85 -11.61
N SER D 123 19.93 8.06 -11.35
CA SER D 123 19.74 8.73 -10.07
C SER D 123 18.60 9.74 -10.08
N LYS D 124 18.35 10.37 -11.23
CA LYS D 124 17.25 11.34 -11.32
C LYS D 124 15.93 10.67 -10.95
N LYS D 125 15.28 11.19 -9.91
CA LYS D 125 14.03 10.61 -9.45
C LYS D 125 12.96 10.70 -10.53
N ILE D 126 11.96 9.84 -10.42
CA ILE D 126 10.86 9.77 -11.36
C ILE D 126 9.65 10.58 -10.90
N GLY D 127 9.26 10.41 -9.65
CA GLY D 127 8.15 11.14 -9.06
C GLY D 127 7.02 10.21 -8.64
N GLY D 128 6.00 10.82 -8.06
CA GLY D 128 4.82 10.07 -7.64
C GLY D 128 5.17 8.84 -6.85
N VAL D 129 4.52 7.73 -7.19
CA VAL D 129 4.79 6.45 -6.54
C VAL D 129 5.85 5.64 -7.28
N LEU D 130 6.23 6.05 -8.49
CA LEU D 130 7.16 5.24 -9.28
C LEU D 130 8.48 5.02 -8.55
N ASP D 131 8.98 6.05 -7.88
CA ASP D 131 10.26 5.92 -7.20
C ASP D 131 10.22 4.83 -6.14
N LEU D 132 9.08 4.63 -5.49
CA LEU D 132 8.97 3.58 -4.48
C LEU D 132 8.74 2.22 -5.12
N TRP D 133 7.87 2.16 -6.14
CA TRP D 133 7.59 0.88 -6.78
C TRP D 133 8.84 0.27 -7.37
N LEU D 134 9.74 1.11 -7.89
CA LEU D 134 10.96 0.64 -8.54
C LEU D 134 12.10 0.40 -7.56
N ASN D 135 11.87 0.63 -6.27
CA ASN D 135 12.94 0.43 -5.29
C ASN D 135 13.57 -0.95 -5.38
N PRO D 136 12.81 -2.06 -5.46
CA PRO D 136 13.44 -3.38 -5.48
C PRO D 136 14.47 -3.54 -6.60
N VAL D 137 14.34 -2.73 -7.66
CA VAL D 137 15.27 -2.87 -8.79
C VAL D 137 16.60 -2.21 -8.47
N ARG D 138 16.57 -0.92 -8.11
CA ARG D 138 17.79 -0.19 -7.83
C ARG D 138 18.64 -0.91 -6.80
N HIS D 139 18.00 -1.63 -5.86
CA HIS D 139 18.75 -2.43 -4.92
C HIS D 139 19.51 -3.55 -5.63
N ILE D 140 18.93 -4.10 -6.71
CA ILE D 140 19.64 -5.10 -7.49
C ILE D 140 20.84 -4.46 -8.20
N ARG D 141 20.63 -3.28 -8.79
CA ARG D 141 21.76 -2.54 -9.36
C ARG D 141 22.88 -2.40 -8.33
N ALA D 142 22.52 -2.00 -7.10
CA ALA D 142 23.51 -1.94 -6.04
C ALA D 142 24.09 -3.32 -5.75
N GLN D 143 23.23 -4.32 -5.62
CA GLN D 143 23.69 -5.67 -5.30
C GLN D 143 24.68 -6.17 -6.34
N ASN D 144 24.45 -5.86 -7.61
CA ASN D 144 25.28 -6.33 -8.71
C ASN D 144 25.91 -5.17 -9.47
N LEU D 145 26.30 -4.12 -8.73
CA LEU D 145 26.87 -2.94 -9.38
C LEU D 145 28.13 -3.29 -10.16
N LYS D 146 29.03 -4.06 -9.54
CA LYS D 146 30.27 -4.43 -10.20
C LYS D 146 30.00 -5.10 -11.54
N LEU D 147 29.15 -6.12 -11.54
CA LEU D 147 28.84 -6.84 -12.79
C LEU D 147 28.39 -5.88 -13.87
N LEU D 148 27.50 -4.96 -13.53
CA LEU D 148 27.09 -3.92 -14.48
C LEU D 148 28.30 -3.24 -15.09
N GLU D 149 29.36 -3.06 -14.32
CA GLU D 149 30.58 -2.42 -14.78
C GLU D 149 30.20 -1.07 -15.36
N GLN D 150 31.01 -0.56 -16.30
CA GLN D 150 30.67 0.66 -17.01
C GLN D 150 29.84 0.41 -18.25
N TYR D 151 29.79 -0.84 -18.74
CA TYR D 151 29.19 -1.13 -20.04
C TYR D 151 29.82 -0.17 -21.05
N ASN D 152 29.15 0.95 -21.33
CA ASN D 152 29.71 1.99 -22.19
C ASN D 152 29.91 1.48 -23.61
N HIS D 153 30.56 0.33 -23.75
CA HIS D 153 30.56 -0.37 -25.03
C HIS D 153 29.23 -1.07 -25.28
N GLU D 154 28.53 -1.48 -24.21
CA GLU D 154 27.22 -2.12 -24.32
C GLU D 154 26.33 -1.65 -23.17
N PRO D 155 26.02 -0.35 -23.11
CA PRO D 155 25.06 0.12 -22.11
C PRO D 155 23.71 -0.54 -22.21
N LYS D 156 23.33 -1.03 -23.40
CA LYS D 156 22.09 -1.78 -23.56
C LYS D 156 22.28 -3.27 -23.24
N LEU D 157 23.50 -3.78 -23.40
CA LEU D 157 23.82 -5.07 -22.79
C LEU D 157 23.83 -4.95 -21.28
N LYS D 158 24.18 -3.78 -20.76
CA LYS D 158 24.01 -3.50 -19.33
C LYS D 158 22.53 -3.43 -18.98
N ALA D 159 21.75 -2.70 -19.79
CA ALA D 159 20.30 -2.68 -19.60
C ALA D 159 19.73 -4.08 -19.73
N ARG D 160 20.09 -4.79 -20.80
CA ARG D 160 19.68 -6.19 -20.93
C ARG D 160 20.17 -7.00 -19.73
N LYS D 161 21.32 -6.65 -19.17
CA LYS D 161 21.82 -7.35 -17.99
C LYS D 161 20.94 -7.05 -16.78
N LEU D 162 20.80 -5.76 -16.44
CA LEU D 162 19.94 -5.39 -15.31
C LEU D 162 18.53 -5.94 -15.49
N ALA D 163 18.01 -5.88 -16.72
CA ALA D 163 16.71 -6.50 -17.00
C ALA D 163 16.74 -7.98 -16.63
N GLU D 164 17.77 -8.70 -17.08
CA GLU D 164 17.91 -10.11 -16.73
C GLU D 164 17.93 -10.28 -15.21
N LEU D 165 18.86 -9.58 -14.53
CA LEU D 165 18.98 -9.71 -13.09
C LEU D 165 17.63 -9.55 -12.39
N ASN D 166 16.85 -8.55 -12.81
CA ASN D 166 15.53 -8.35 -12.23
C ASN D 166 14.68 -9.61 -12.34
N VAL D 167 14.64 -10.22 -13.54
CA VAL D 167 13.83 -11.42 -13.73
C VAL D 167 14.20 -12.46 -12.69
N ILE D 168 15.49 -12.77 -12.57
CA ILE D 168 15.94 -13.77 -11.60
C ILE D 168 15.50 -13.39 -10.19
N ALA D 169 15.65 -12.11 -9.84
CA ALA D 169 15.26 -11.67 -8.50
C ALA D 169 13.77 -11.87 -8.26
N SER D 170 12.96 -11.68 -9.30
CA SER D 170 11.53 -11.95 -9.16
C SER D 170 11.27 -13.44 -9.10
N VAL D 171 12.02 -14.23 -9.87
CA VAL D 171 11.88 -15.69 -9.81
C VAL D 171 12.06 -16.16 -8.38
N ILE D 172 13.21 -15.87 -7.79
CA ILE D 172 13.47 -16.30 -6.41
C ILE D 172 12.37 -15.77 -5.49
N ALA D 173 12.11 -14.46 -5.55
CA ALA D 173 11.03 -13.88 -4.74
C ALA D 173 9.75 -14.68 -4.89
N LEU D 174 9.48 -15.21 -6.10
CA LEU D 174 8.30 -16.03 -6.29
C LEU D 174 8.46 -17.40 -5.63
N LYS D 175 9.62 -18.03 -5.83
CA LYS D 175 9.87 -19.32 -5.21
C LYS D 175 9.78 -19.24 -3.68
N ARG D 176 10.02 -18.06 -3.11
CA ARG D 176 9.95 -17.88 -1.66
C ARG D 176 8.53 -17.84 -1.14
N HIS D 177 7.53 -17.81 -2.02
CA HIS D 177 6.14 -17.79 -1.57
C HIS D 177 5.80 -19.13 -0.92
N PRO D 178 5.17 -19.13 0.26
CA PRO D 178 4.84 -20.41 0.91
C PRO D 178 4.18 -21.41 -0.02
N SER D 179 3.17 -20.98 -0.78
CA SER D 179 2.52 -21.87 -1.73
C SER D 179 3.52 -22.39 -2.76
N ALA D 180 4.39 -21.52 -3.26
CA ALA D 180 5.37 -21.94 -4.26
C ALA D 180 6.34 -22.97 -3.69
N SER D 181 6.98 -22.64 -2.57
CA SER D 181 7.92 -23.57 -1.96
C SER D 181 7.23 -24.90 -1.63
N THR D 182 5.98 -24.85 -1.19
CA THR D 182 5.24 -26.07 -0.90
C THR D 182 5.05 -26.89 -2.17
N ALA D 183 4.57 -26.26 -3.24
CA ALA D 183 4.34 -26.98 -4.48
C ALA D 183 5.65 -27.34 -5.17
N LEU D 184 6.64 -26.45 -5.12
CA LEU D 184 7.92 -26.71 -5.76
C LEU D 184 8.59 -27.96 -5.17
N LYS D 185 8.48 -28.13 -3.85
CA LYS D 185 9.10 -29.29 -3.22
C LYS D 185 8.52 -30.60 -3.73
N GLN D 186 7.19 -30.63 -3.92
CA GLN D 186 6.55 -31.86 -4.37
C GLN D 186 6.82 -32.17 -5.83
N GLY D 187 7.25 -31.18 -6.60
CA GLY D 187 7.43 -31.36 -8.03
C GLY D 187 6.19 -31.11 -8.87
N LYS D 188 5.19 -30.44 -8.32
CA LYS D 188 3.93 -30.19 -9.00
C LYS D 188 3.90 -28.82 -9.67
N ILE D 189 5.04 -28.34 -10.16
CA ILE D 189 5.14 -26.99 -10.72
C ILE D 189 6.51 -26.78 -11.35
N GLU D 190 6.55 -25.97 -12.41
CA GLU D 190 7.78 -25.58 -13.07
C GLU D 190 7.82 -24.07 -13.18
N VAL D 191 9.02 -23.49 -13.08
CA VAL D 191 9.20 -22.05 -13.11
C VAL D 191 10.30 -21.73 -14.12
N TRP D 192 10.00 -20.81 -15.04
CA TRP D 192 10.96 -20.37 -16.03
C TRP D 192 11.08 -18.84 -16.00
N GLY D 193 12.28 -18.36 -16.29
CA GLY D 193 12.52 -16.94 -16.52
C GLY D 193 12.81 -16.70 -17.99
N MET D 194 12.17 -15.67 -18.54
CA MET D 194 12.24 -15.42 -19.98
C MET D 194 12.40 -13.94 -20.24
N ILE D 195 12.90 -13.62 -21.42
CA ILE D 195 13.03 -12.25 -21.91
C ILE D 195 12.33 -12.17 -23.26
N TYR D 196 11.56 -11.09 -23.47
CA TYR D 196 10.90 -10.83 -24.74
C TYR D 196 11.76 -9.82 -25.49
N ASP D 197 12.49 -10.29 -26.51
CA ASP D 197 13.23 -9.39 -27.37
C ASP D 197 12.25 -8.53 -28.15
N VAL D 198 12.27 -7.22 -27.89
CA VAL D 198 11.22 -6.35 -28.41
C VAL D 198 11.42 -6.05 -29.90
N ALA D 199 12.67 -5.99 -30.37
CA ALA D 199 12.94 -5.67 -31.76
C ALA D 199 12.76 -6.86 -32.69
N SER D 200 12.54 -8.06 -32.14
CA SER D 200 12.34 -9.25 -32.97
C SER D 200 11.10 -10.05 -32.61
N GLY D 201 10.54 -9.88 -31.42
CA GLY D 201 9.38 -10.63 -31.01
C GLY D 201 9.66 -12.03 -30.51
N TYR D 202 10.93 -12.44 -30.47
CA TYR D 202 11.29 -13.76 -30.00
C TYR D 202 11.51 -13.75 -28.49
N LEU D 203 11.34 -14.92 -27.88
CA LEU D 203 11.64 -15.10 -26.47
C LEU D 203 12.95 -15.87 -26.31
N SER D 204 13.55 -15.74 -25.14
CA SER D 204 14.85 -16.33 -24.85
C SER D 204 14.85 -16.80 -23.41
N GLU D 205 14.94 -18.11 -23.21
CA GLU D 205 15.04 -18.64 -21.85
C GLU D 205 16.29 -18.08 -21.16
N LEU D 206 16.19 -17.91 -19.85
CA LEU D 206 17.30 -17.45 -19.02
C LEU D 206 17.54 -18.51 -17.95
N GLU D 207 18.66 -19.22 -18.05
CA GLU D 207 19.04 -20.17 -17.01
C GLU D 207 19.10 -19.44 -15.68
N ILE D 208 18.07 -19.62 -14.85
CA ILE D 208 18.02 -18.96 -13.55
C ILE D 208 18.76 -19.83 -12.55
N PRO D 209 19.43 -19.24 -11.53
CA PRO D 209 20.18 -20.05 -10.56
C PRO D 209 19.26 -20.91 -9.71
#